data_2AFB
#
_entry.id   2AFB
#
_cell.length_a   120.993
_cell.length_b   120.993
_cell.length_c   260.300
_cell.angle_alpha   90.00
_cell.angle_beta   90.00
_cell.angle_gamma   120.00
#
_symmetry.space_group_name_H-M   'H 3 2'
#
loop_
_entity.id
_entity.type
_entity.pdbx_description
1 polymer '2-keto-3-deoxygluconate kinase'
2 non-polymer 'NICKEL (II) ION'
3 non-polymer 'CALCIUM ION'
4 water water
#
_entity_poly.entity_id   1
_entity_poly.type   'polypeptide(L)'
_entity_poly.pdbx_seq_one_letter_code
;(MSE)GSDKIHHHHHH(MSE)KVVTFGEI(MSE)LRLSPPDHKRIFQTDSFDVTYGGAEANVAAFLAQ(MSE)GLDAYFV
TKLPNNPLGDAAAGHLRKFGVKTDYIARGGNRIGIYFLEIGASQRPSKVVYDRAHSAISEAKREDFDWEKILDGARWFHF
SGITPPLGKELPLILEDALKVANEKGVTVSCDLNYRARLWTKEEAQKV(MSE)IPF(MSE)EYVDVLIANEEDIEKVLGI
SVEGLDLKTGKLNREAYAKIAEEVTRKYNFKTVGITLRESISATVNYWSV(MSE)VFENGQPHFSNRYEIHIVDRVGAGD
SFAGALIYGSL(MSE)GFDSQKKAEFAAAASCLKHTIPGDFVVLSIEEIEKLASGATSGRVER
;
_entity_poly.pdbx_strand_id   A,B
#
# COMPACT_ATOMS: atom_id res chain seq x y z
N HIS A 8 29.29 -26.95 -8.76
CA HIS A 8 29.57 -25.74 -9.60
C HIS A 8 30.31 -24.63 -8.81
N HIS A 9 30.72 -23.56 -9.50
CA HIS A 9 31.50 -22.45 -8.90
C HIS A 9 30.77 -21.09 -8.98
N HIS A 10 30.93 -20.22 -7.98
CA HIS A 10 30.55 -18.80 -8.13
C HIS A 10 31.31 -18.19 -9.32
N HIS A 11 30.66 -17.33 -10.10
CA HIS A 11 31.34 -16.60 -11.16
C HIS A 11 31.21 -15.12 -10.90
N HIS A 12 32.30 -14.43 -10.61
CA HIS A 12 32.26 -13.00 -10.34
C HIS A 12 32.13 -12.27 -11.65
N LYS A 14 29.78 -9.47 -13.42
CA LYS A 14 28.90 -8.39 -12.94
C LYS A 14 27.77 -8.26 -13.91
N VAL A 15 26.56 -8.39 -13.39
CA VAL A 15 25.36 -8.19 -14.17
C VAL A 15 24.49 -7.18 -13.48
N VAL A 16 23.89 -6.28 -14.27
CA VAL A 16 23.08 -5.19 -13.78
C VAL A 16 21.66 -5.19 -14.42
N THR A 17 20.65 -4.97 -13.59
CA THR A 17 19.27 -4.81 -14.03
C THR A 17 18.70 -3.57 -13.37
N PHE A 18 17.65 -3.04 -13.99
CA PHE A 18 17.08 -1.76 -13.60
C PHE A 18 15.61 -1.81 -13.74
N GLY A 19 14.94 -1.34 -12.72
CA GLY A 19 13.51 -1.14 -12.79
C GLY A 19 12.91 -0.91 -11.42
N GLU A 20 11.66 -1.32 -11.27
CA GLU A 20 10.90 -1.14 -10.00
C GLU A 20 10.67 -2.41 -9.25
N ILE A 21 10.94 -2.36 -7.95
CA ILE A 21 10.54 -3.40 -7.06
C ILE A 21 9.41 -2.92 -6.15
N LEU A 23 6.30 -3.82 -3.14
CA LEU A 23 5.68 -4.67 -2.12
C LEU A 23 4.52 -5.47 -2.72
N ARG A 24 4.52 -6.80 -2.56
CA ARG A 24 3.43 -7.62 -3.03
C ARG A 24 2.60 -8.17 -1.86
N LEU A 25 1.29 -7.97 -1.97
CA LEU A 25 0.36 -8.32 -0.90
C LEU A 25 -0.62 -9.30 -1.49
N SER A 26 -0.60 -10.55 -1.03
CA SER A 26 -1.50 -11.57 -1.57
C SER A 26 -2.24 -12.30 -0.47
N PRO A 27 -3.60 -12.48 -0.63
CA PRO A 27 -4.23 -13.23 0.40
C PRO A 27 -3.76 -14.71 0.36
N PRO A 28 -3.79 -15.40 1.48
CA PRO A 28 -3.47 -16.82 1.51
C PRO A 28 -4.58 -17.72 0.99
N ASP A 29 -4.20 -18.87 0.46
CA ASP A 29 -5.16 -19.98 0.25
C ASP A 29 -6.27 -19.69 -0.76
N HIS A 30 -5.93 -18.94 -1.79
CA HIS A 30 -6.87 -18.62 -2.85
C HIS A 30 -8.04 -17.74 -2.39
N LYS A 31 -7.92 -17.13 -1.22
CA LYS A 31 -8.80 -16.08 -0.77
C LYS A 31 -8.72 -14.86 -1.66
N ARG A 32 -9.88 -14.21 -1.80
CA ARG A 32 -9.99 -12.94 -2.46
C ARG A 32 -9.72 -11.81 -1.45
N ILE A 33 -9.34 -10.68 -1.97
CA ILE A 33 -9.04 -9.52 -1.14
C ILE A 33 -10.17 -9.20 -0.19
N PHE A 34 -11.38 -9.25 -0.70
CA PHE A 34 -12.57 -8.87 0.05
C PHE A 34 -12.75 -9.67 1.33
N GLN A 35 -12.31 -10.90 1.27
CA GLN A 35 -12.58 -11.82 2.34
C GLN A 35 -11.44 -12.01 3.37
N THR A 36 -10.29 -11.42 3.14
CA THR A 36 -9.11 -11.83 3.88
C THR A 36 -8.85 -10.95 5.12
N ASP A 37 -8.47 -11.60 6.23
CA ASP A 37 -7.93 -10.95 7.43
C ASP A 37 -6.42 -10.73 7.40
N SER A 38 -5.74 -11.24 6.37
CA SER A 38 -4.31 -10.99 6.17
C SER A 38 -3.82 -11.08 4.71
N PHE A 39 -2.60 -10.58 4.55
CA PHE A 39 -1.85 -10.63 3.30
C PHE A 39 -0.47 -11.21 3.60
N ASP A 40 -0.09 -12.22 2.80
CA ASP A 40 1.26 -12.67 2.62
C ASP A 40 2.04 -11.55 1.97
N VAL A 41 3.26 -11.37 2.43
CA VAL A 41 4.15 -10.28 2.08
C VAL A 41 5.35 -10.85 1.35
N THR A 42 5.68 -10.23 0.24
CA THR A 42 6.94 -10.43 -0.45
C THR A 42 7.27 -9.20 -1.28
N TYR A 43 8.41 -9.22 -1.95
CA TYR A 43 8.84 -8.05 -2.71
C TYR A 43 9.24 -8.56 -4.09
N GLY A 44 8.78 -7.89 -5.14
CA GLY A 44 9.29 -8.25 -6.47
C GLY A 44 9.01 -7.28 -7.58
N GLY A 45 9.37 -7.66 -8.79
CA GLY A 45 9.26 -6.77 -9.98
C GLY A 45 10.09 -7.41 -11.08
N ALA A 46 9.72 -7.18 -12.34
CA ALA A 46 10.29 -7.91 -13.51
C ALA A 46 11.84 -7.99 -13.49
N GLU A 47 12.46 -6.82 -13.47
CA GLU A 47 13.93 -6.74 -13.46
C GLU A 47 14.55 -7.12 -12.12
N ALA A 48 13.85 -6.92 -11.01
CA ALA A 48 14.34 -7.42 -9.73
C ALA A 48 14.39 -8.94 -9.73
N ASN A 49 13.36 -9.55 -10.29
CA ASN A 49 13.25 -10.98 -10.33
C ASN A 49 14.39 -11.61 -11.17
N VAL A 50 14.78 -10.92 -12.22
CA VAL A 50 15.90 -11.33 -13.07
C VAL A 50 17.21 -11.29 -12.28
N ALA A 51 17.42 -10.21 -11.57
CA ALA A 51 18.61 -10.08 -10.74
C ALA A 51 18.65 -11.21 -9.71
N ALA A 52 17.50 -11.55 -9.15
CA ALA A 52 17.47 -12.56 -8.10
C ALA A 52 17.79 -13.91 -8.67
N PHE A 53 17.36 -14.17 -9.91
CA PHE A 53 17.71 -15.42 -10.63
C PHE A 53 19.22 -15.52 -10.84
N LEU A 54 19.77 -14.48 -11.43
CA LEU A 54 21.22 -14.46 -11.64
C LEU A 54 22.01 -14.58 -10.32
N ALA A 55 21.56 -13.95 -9.24
CA ALA A 55 22.22 -14.16 -7.95
C ALA A 55 22.10 -15.62 -7.48
N GLN A 56 20.93 -16.22 -7.65
CA GLN A 56 20.70 -17.60 -7.28
C GLN A 56 21.62 -18.56 -8.09
N GLY A 58 24.66 -17.68 -8.88
CA GLY A 58 26.06 -17.53 -8.40
C GLY A 58 26.87 -16.47 -9.14
N LEU A 59 26.18 -15.53 -9.82
CA LEU A 59 26.83 -14.36 -10.47
C LEU A 59 26.72 -13.13 -9.57
N ASP A 60 27.33 -12.03 -9.98
CA ASP A 60 27.29 -10.79 -9.20
C ASP A 60 26.24 -9.90 -9.79
N ALA A 61 25.04 -10.07 -9.28
CA ALA A 61 23.86 -9.39 -9.78
C ALA A 61 23.62 -8.15 -8.97
N TYR A 62 23.54 -7.01 -9.64
CA TYR A 62 23.17 -5.76 -8.95
C TYR A 62 21.83 -5.32 -9.50
N PHE A 63 20.95 -4.89 -8.61
CA PHE A 63 19.68 -4.34 -9.05
C PHE A 63 19.71 -2.85 -8.78
N VAL A 64 19.38 -2.08 -9.80
CA VAL A 64 19.40 -0.64 -9.72
C VAL A 64 17.95 -0.14 -9.65
N THR A 65 17.66 0.67 -8.64
CA THR A 65 16.34 1.23 -8.44
C THR A 65 16.42 2.39 -7.42
N LYS A 66 15.26 2.93 -7.07
CA LYS A 66 15.12 3.90 -5.99
C LYS A 66 14.04 3.36 -5.07
N LEU A 67 14.33 3.41 -3.76
CA LEU A 67 13.37 3.07 -2.73
C LEU A 67 13.33 4.14 -1.68
N PRO A 68 12.18 4.27 -0.98
CA PRO A 68 12.08 5.29 0.05
C PRO A 68 12.87 4.86 1.25
N ASN A 69 13.38 5.80 2.02
CA ASN A 69 13.86 5.50 3.36
C ASN A 69 12.70 5.33 4.33
N ASN A 70 12.07 4.15 4.31
CA ASN A 70 11.11 3.80 5.30
C ASN A 70 11.27 2.30 5.43
N PRO A 71 10.62 1.69 6.43
CA PRO A 71 10.77 0.25 6.63
C PRO A 71 10.41 -0.62 5.44
N LEU A 72 9.49 -0.19 4.58
CA LEU A 72 9.16 -1.01 3.40
C LEU A 72 10.29 -1.01 2.38
N GLY A 73 10.88 0.15 2.16
CA GLY A 73 12.12 0.21 1.36
C GLY A 73 13.28 -0.59 1.94
N ASP A 74 13.46 -0.50 3.26
CA ASP A 74 14.49 -1.33 3.95
C ASP A 74 14.22 -2.88 3.74
N ALA A 75 12.97 -3.29 3.87
CA ALA A 75 12.58 -4.69 3.74
C ALA A 75 12.83 -5.19 2.31
N ALA A 76 12.46 -4.39 1.32
CA ALA A 76 12.66 -4.75 -0.09
C ALA A 76 14.13 -4.97 -0.40
N ALA A 77 14.96 -4.06 0.12
CA ALA A 77 16.40 -4.15 -0.01
C ALA A 77 16.96 -5.38 0.72
N GLY A 78 16.41 -5.67 1.88
CA GLY A 78 16.90 -6.79 2.63
C GLY A 78 16.45 -8.10 1.98
N HIS A 79 15.29 -8.10 1.33
CA HIS A 79 14.80 -9.26 0.57
C HIS A 79 15.69 -9.56 -0.62
N LEU A 80 16.10 -8.49 -1.32
CA LEU A 80 17.05 -8.63 -2.41
C LEU A 80 18.38 -9.21 -1.93
N ARG A 81 18.90 -8.66 -0.84
CA ARG A 81 20.17 -9.17 -0.31
C ARG A 81 20.10 -10.65 0.15
N LYS A 82 18.99 -11.03 0.77
CA LYS A 82 18.82 -12.38 1.23
C LYS A 82 19.04 -13.38 0.06
N PHE A 83 18.52 -13.03 -1.11
CA PHE A 83 18.68 -13.84 -2.29
C PHE A 83 20.01 -13.65 -3.01
N GLY A 84 20.88 -12.82 -2.46
CA GLY A 84 22.24 -12.67 -2.99
C GLY A 84 22.42 -11.48 -3.91
N VAL A 85 21.35 -10.68 -4.13
CA VAL A 85 21.43 -9.54 -5.02
C VAL A 85 22.17 -8.44 -4.29
N LYS A 86 23.10 -7.78 -4.97
CA LYS A 86 23.86 -6.66 -4.38
C LYS A 86 23.06 -5.34 -4.54
N THR A 87 23.00 -4.54 -3.48
CA THR A 87 22.07 -3.41 -3.40
C THR A 87 22.82 -2.09 -3.42
N ASP A 88 24.07 -2.15 -3.82
CA ASP A 88 24.98 -1.00 -3.80
C ASP A 88 24.44 0.17 -4.56
N TYR A 89 23.73 -0.08 -5.66
CA TYR A 89 23.30 1.01 -6.53
C TYR A 89 21.81 1.38 -6.33
N ILE A 90 21.24 0.96 -5.22
CA ILE A 90 19.90 1.40 -4.95
C ILE A 90 19.96 2.82 -4.38
N ALA A 91 19.37 3.75 -5.12
CA ALA A 91 19.19 5.11 -4.63
C ALA A 91 18.10 5.13 -3.59
N ARG A 92 18.24 5.99 -2.58
CA ARG A 92 17.24 6.12 -1.52
C ARG A 92 16.62 7.53 -1.44
N GLY A 93 15.31 7.60 -1.31
CA GLY A 93 14.64 8.88 -1.36
C GLY A 93 13.23 8.70 -1.84
N GLY A 94 12.52 9.81 -1.97
CA GLY A 94 11.11 9.79 -2.34
C GLY A 94 10.19 9.41 -1.18
N ASN A 95 8.91 9.22 -1.52
CA ASN A 95 7.83 9.18 -0.55
C ASN A 95 7.23 7.87 -0.19
N ARG A 96 7.18 6.93 -1.13
CA ARG A 96 6.56 5.64 -0.90
C ARG A 96 7.20 4.59 -1.79
N ILE A 97 7.01 3.34 -1.39
CA ILE A 97 7.22 2.17 -2.24
C ILE A 97 5.94 1.84 -2.97
N GLY A 98 6.09 1.39 -4.21
CA GLY A 98 4.97 0.90 -4.96
C GLY A 98 4.50 -0.42 -4.40
N ILE A 99 3.22 -0.69 -4.61
CA ILE A 99 2.57 -1.87 -4.09
C ILE A 99 1.72 -2.52 -5.16
N TYR A 100 1.63 -3.85 -5.13
CA TYR A 100 0.53 -4.51 -5.78
C TYR A 100 -0.09 -5.59 -4.96
N PHE A 101 -1.41 -5.69 -5.11
CA PHE A 101 -2.20 -6.72 -4.45
C PHE A 101 -2.45 -7.80 -5.47
N LEU A 102 -2.24 -9.02 -5.10
CA LEU A 102 -2.42 -10.13 -6.01
C LEU A 102 -3.34 -11.18 -5.41
N GLU A 103 -4.40 -11.51 -6.15
CA GLU A 103 -5.28 -12.63 -5.85
C GLU A 103 -4.84 -13.72 -6.74
N ILE A 104 -4.40 -14.82 -6.14
CA ILE A 104 -3.96 -15.96 -6.91
C ILE A 104 -5.20 -16.82 -7.29
N GLY A 105 -5.38 -16.97 -8.60
CA GLY A 105 -6.60 -17.59 -9.09
C GLY A 105 -6.54 -19.13 -9.06
N ALA A 106 -7.60 -19.73 -9.53
CA ALA A 106 -7.70 -21.15 -9.57
C ALA A 106 -8.70 -21.48 -10.61
N SER A 107 -8.35 -22.50 -11.38
CA SER A 107 -9.21 -23.08 -12.34
C SER A 107 -9.77 -21.93 -13.23
N GLN A 108 -11.09 -21.79 -13.38
CA GLN A 108 -11.66 -20.74 -14.27
C GLN A 108 -11.57 -19.31 -13.75
N ARG A 109 -11.17 -19.16 -12.48
CA ARG A 109 -10.99 -17.82 -11.90
C ARG A 109 -9.57 -17.31 -12.09
N PRO A 110 -9.35 -16.33 -12.98
CA PRO A 110 -7.96 -15.89 -13.13
C PRO A 110 -7.38 -15.16 -11.93
N SER A 111 -6.06 -15.10 -11.89
CA SER A 111 -5.34 -14.26 -10.93
C SER A 111 -5.73 -12.83 -11.21
N LYS A 112 -5.75 -12.00 -10.19
CA LYS A 112 -6.20 -10.61 -10.36
C LYS A 112 -5.19 -9.76 -9.64
N VAL A 113 -4.78 -8.69 -10.28
CA VAL A 113 -3.84 -7.73 -9.73
C VAL A 113 -4.58 -6.40 -9.58
N VAL A 114 -4.50 -5.83 -8.40
CA VAL A 114 -4.79 -4.45 -8.18
C VAL A 114 -3.47 -3.69 -7.97
N TYR A 115 -3.09 -2.82 -8.88
CA TYR A 115 -1.87 -2.03 -8.71
C TYR A 115 -2.07 -0.77 -7.85
N ASP A 116 -1.04 -0.44 -7.08
CA ASP A 116 -0.96 0.79 -6.30
C ASP A 116 0.50 1.28 -6.29
N ARG A 117 1.00 1.56 -7.50
CA ARG A 117 2.40 1.82 -7.75
C ARG A 117 2.64 3.30 -8.09
N ALA A 118 1.57 4.04 -8.33
CA ALA A 118 1.75 5.44 -8.73
C ALA A 118 2.43 6.26 -7.65
N HIS A 119 3.27 7.17 -8.09
CA HIS A 119 3.94 8.13 -7.21
C HIS A 119 4.97 7.47 -6.31
N SER A 120 5.40 6.26 -6.69
CA SER A 120 6.49 5.57 -6.03
C SER A 120 7.78 6.33 -6.23
N ALA A 121 8.74 6.06 -5.33
CA ALA A 121 10.03 6.73 -5.36
C ALA A 121 10.73 6.54 -6.73
N ILE A 122 10.66 5.35 -7.30
CA ILE A 122 11.31 5.12 -8.60
C ILE A 122 10.58 5.88 -9.70
N SER A 123 9.25 5.93 -9.63
CA SER A 123 8.44 6.60 -10.65
C SER A 123 8.82 8.06 -10.78
N GLU A 124 9.22 8.67 -9.67
CA GLU A 124 9.60 10.06 -9.55
C GLU A 124 11.12 10.24 -9.55
N ALA A 125 11.87 9.18 -9.85
CA ALA A 125 13.33 9.30 -9.90
C ALA A 125 13.81 10.28 -11.00
N LYS A 126 14.95 10.90 -10.70
CA LYS A 126 15.59 11.88 -11.53
C LYS A 126 16.84 11.27 -12.17
N ARG A 127 17.23 11.85 -13.31
CA ARG A 127 18.38 11.32 -14.00
C ARG A 127 19.64 11.32 -13.11
N GLU A 128 19.75 12.31 -12.23
CA GLU A 128 20.94 12.47 -11.38
C GLU A 128 21.00 11.45 -10.27
N ASP A 129 19.92 10.70 -10.07
CA ASP A 129 19.89 9.67 -9.03
C ASP A 129 20.82 8.52 -9.28
N PHE A 130 21.31 8.39 -10.52
CA PHE A 130 22.06 7.22 -11.00
C PHE A 130 23.31 7.59 -11.79
N ASP A 131 24.43 6.99 -11.39
CA ASP A 131 25.75 7.23 -11.95
C ASP A 131 26.08 6.03 -12.80
N TRP A 132 25.73 6.13 -14.09
CA TRP A 132 25.74 4.96 -14.95
C TRP A 132 27.14 4.51 -15.27
N GLU A 133 28.07 5.47 -15.30
CA GLU A 133 29.47 5.16 -15.46
C GLU A 133 30.01 4.32 -14.32
N LYS A 134 29.53 4.55 -13.10
CA LYS A 134 29.98 3.79 -11.91
C LYS A 134 29.28 2.41 -11.88
N ILE A 135 27.96 2.45 -12.04
CA ILE A 135 27.12 1.29 -12.07
C ILE A 135 27.61 0.24 -13.09
N LEU A 136 27.87 0.66 -14.33
CA LEU A 136 28.16 -0.30 -15.40
C LEU A 136 29.64 -0.59 -15.57
N ASP A 137 30.49 0.08 -14.79
CA ASP A 137 31.90 -0.22 -14.81
C ASP A 137 32.07 -1.72 -14.57
N GLY A 138 32.73 -2.39 -15.52
CA GLY A 138 33.04 -3.81 -15.38
C GLY A 138 31.88 -4.77 -15.61
N ALA A 139 30.70 -4.25 -16.00
CA ALA A 139 29.51 -5.09 -16.21
C ALA A 139 29.66 -5.94 -17.47
N ARG A 140 29.26 -7.20 -17.39
CA ARG A 140 29.25 -8.06 -18.57
C ARG A 140 27.87 -8.00 -19.23
N TRP A 141 26.89 -7.48 -18.50
CA TRP A 141 25.49 -7.54 -18.94
C TRP A 141 24.62 -6.51 -18.25
N PHE A 142 23.68 -5.96 -19.04
CA PHE A 142 22.63 -5.04 -18.61
C PHE A 142 21.27 -5.46 -19.17
N HIS A 143 20.32 -5.55 -18.27
CA HIS A 143 18.96 -5.98 -18.56
C HIS A 143 17.89 -4.96 -18.12
N PHE A 144 16.90 -4.69 -18.99
CA PHE A 144 15.74 -3.84 -18.66
C PHE A 144 14.52 -4.45 -19.29
N SER A 145 13.32 -4.00 -18.85
CA SER A 145 12.08 -4.40 -19.49
C SER A 145 11.19 -3.23 -19.88
N GLY A 146 10.26 -3.46 -20.81
CA GLY A 146 9.31 -2.42 -21.27
C GLY A 146 8.27 -1.94 -20.24
N ILE A 147 8.22 -2.59 -19.09
CA ILE A 147 7.39 -2.12 -18.01
C ILE A 147 7.89 -0.77 -17.51
N THR A 148 9.19 -0.53 -17.56
CA THR A 148 9.79 0.63 -16.88
C THR A 148 9.62 2.03 -17.52
N PRO A 149 9.85 2.19 -18.82
CA PRO A 149 9.74 3.53 -19.38
C PRO A 149 8.43 4.25 -19.01
N PRO A 150 7.27 3.58 -19.12
CA PRO A 150 6.04 4.31 -18.85
C PRO A 150 5.75 4.56 -17.38
N LEU A 151 6.59 4.10 -16.46
CA LEU A 151 6.24 4.29 -15.03
C LEU A 151 6.29 5.72 -14.57
N GLY A 152 7.18 6.50 -15.14
CA GLY A 152 7.29 7.90 -14.76
C GLY A 152 8.01 8.77 -15.75
N LYS A 153 8.03 10.05 -15.42
CA LYS A 153 8.42 11.10 -16.34
C LYS A 153 9.85 11.00 -16.88
N GLU A 154 10.82 10.77 -16.01
CA GLU A 154 12.21 10.74 -16.41
C GLU A 154 12.66 9.34 -16.77
N LEU A 155 11.82 8.34 -16.62
CA LEU A 155 12.34 6.99 -16.72
C LEU A 155 12.88 6.66 -18.12
N PRO A 156 12.21 7.16 -19.18
CA PRO A 156 12.77 6.90 -20.53
C PRO A 156 14.12 7.53 -20.71
N LEU A 157 14.33 8.71 -20.16
CA LEU A 157 15.62 9.36 -20.23
C LEU A 157 16.65 8.65 -19.38
N ILE A 158 16.25 8.18 -18.21
CA ILE A 158 17.14 7.40 -17.35
C ILE A 158 17.64 6.12 -18.06
N LEU A 159 16.73 5.41 -18.75
CA LEU A 159 17.14 4.22 -19.50
C LEU A 159 18.05 4.54 -20.65
N GLU A 160 17.75 5.64 -21.34
CA GLU A 160 18.59 6.06 -22.44
C GLU A 160 19.99 6.39 -21.95
N ASP A 161 20.08 7.05 -20.80
CA ASP A 161 21.37 7.30 -20.14
C ASP A 161 22.11 6.00 -19.94
N ALA A 162 21.43 5.02 -19.34
CA ALA A 162 22.06 3.70 -19.08
C ALA A 162 22.52 3.01 -20.36
N LEU A 163 21.72 3.13 -21.40
CA LEU A 163 21.99 2.37 -22.62
C LEU A 163 23.14 2.98 -23.42
N LYS A 164 23.27 4.29 -23.35
CA LYS A 164 24.39 4.96 -23.98
C LYS A 164 25.69 4.56 -23.31
N VAL A 165 25.72 4.51 -21.99
CA VAL A 165 26.93 4.02 -21.30
C VAL A 165 27.22 2.53 -21.57
N ALA A 166 26.20 1.71 -21.52
CA ALA A 166 26.36 0.31 -21.87
C ALA A 166 27.02 0.22 -23.22
N ASN A 167 26.55 1.00 -24.19
CA ASN A 167 27.07 0.94 -25.55
C ASN A 167 28.48 1.46 -25.60
N GLU A 168 28.77 2.54 -24.88
CA GLU A 168 30.15 3.05 -24.77
C GLU A 168 31.08 1.97 -24.21
N LYS A 169 30.62 1.20 -23.22
CA LYS A 169 31.47 0.23 -22.50
C LYS A 169 31.47 -1.17 -23.13
N GLY A 170 30.66 -1.36 -24.16
CA GLY A 170 30.58 -2.65 -24.86
C GLY A 170 29.83 -3.70 -24.03
N VAL A 171 28.93 -3.25 -23.17
CA VAL A 171 28.17 -4.13 -22.32
C VAL A 171 27.01 -4.75 -23.13
N THR A 172 26.81 -6.07 -23.00
CA THR A 172 25.69 -6.75 -23.63
C THR A 172 24.41 -6.32 -22.96
N VAL A 173 23.42 -6.02 -23.81
CA VAL A 173 22.16 -5.47 -23.41
C VAL A 173 21.03 -6.41 -23.83
N SER A 174 20.21 -6.81 -22.85
CA SER A 174 18.95 -7.48 -23.11
C SER A 174 17.75 -6.60 -22.71
N CYS A 175 16.64 -6.88 -23.38
CA CYS A 175 15.34 -6.27 -23.10
C CYS A 175 14.26 -7.34 -23.16
N ASP A 176 13.46 -7.45 -22.10
CA ASP A 176 12.19 -8.16 -22.15
C ASP A 176 11.08 -7.13 -22.43
N LEU A 177 10.40 -7.25 -23.57
CA LEU A 177 9.49 -6.24 -24.02
C LEU A 177 8.34 -6.01 -23.04
N ASN A 178 7.84 -7.05 -22.40
CA ASN A 178 6.83 -6.89 -21.34
C ASN A 178 5.76 -5.80 -21.61
N TYR A 179 5.06 -5.90 -22.73
CA TYR A 179 3.98 -4.95 -23.02
C TYR A 179 2.86 -5.11 -21.99
N ARG A 180 2.46 -3.99 -21.41
CA ARG A 180 1.29 -3.89 -20.54
C ARG A 180 0.39 -2.76 -21.02
N ALA A 181 -0.78 -3.13 -21.49
CA ALA A 181 -1.78 -2.17 -21.89
C ALA A 181 -2.21 -1.25 -20.74
N ARG A 182 -2.12 -1.69 -19.48
CA ARG A 182 -2.42 -0.81 -18.31
C ARG A 182 -1.52 0.41 -18.31
N LEU A 183 -0.32 0.26 -18.87
CA LEU A 183 0.72 1.28 -18.71
C LEU A 183 0.79 2.27 -19.87
N TRP A 184 0.52 1.81 -21.07
CA TRP A 184 0.56 2.64 -22.28
C TRP A 184 -0.10 1.95 -23.46
N THR A 185 -0.39 2.75 -24.50
CA THR A 185 -0.94 2.22 -25.73
C THR A 185 0.18 1.66 -26.58
N LYS A 186 -0.19 0.81 -27.51
CA LYS A 186 0.79 0.15 -28.37
C LYS A 186 1.46 1.22 -29.21
N GLU A 187 0.74 2.28 -29.53
CA GLU A 187 1.35 3.42 -30.23
C GLU A 187 2.46 4.13 -29.44
N GLU A 188 2.26 4.36 -28.13
CA GLU A 188 3.27 5.03 -27.29
C GLU A 188 4.44 4.10 -27.04
N ALA A 189 4.13 2.84 -26.79
CA ALA A 189 5.15 1.80 -26.59
C ALA A 189 6.06 1.70 -27.81
N GLN A 190 5.48 1.70 -29.00
CA GLN A 190 6.26 1.67 -30.24
C GLN A 190 7.06 2.92 -30.41
N LYS A 191 6.50 4.07 -30.04
CA LYS A 191 7.22 5.32 -30.22
C LYS A 191 8.51 5.33 -29.35
N VAL A 192 8.42 4.77 -28.15
CA VAL A 192 9.52 4.75 -27.18
C VAL A 192 10.47 3.56 -27.31
N ILE A 194 10.99 1.32 -29.91
CA ILE A 194 11.64 1.00 -31.19
C ILE A 194 13.00 1.66 -31.21
N PRO A 195 13.09 2.97 -30.89
CA PRO A 195 14.43 3.56 -30.77
C PRO A 195 15.40 2.83 -29.85
N PHE A 196 14.93 2.27 -28.74
CA PHE A 196 15.83 1.56 -27.83
C PHE A 196 16.39 0.27 -28.45
N GLU A 198 17.96 -0.22 -31.08
CA GLU A 198 19.36 0.07 -31.55
C GLU A 198 20.43 -0.37 -30.57
N TYR A 199 20.11 -0.28 -29.28
CA TYR A 199 21.02 -0.66 -28.22
C TYR A 199 20.90 -2.11 -27.74
N VAL A 200 19.90 -2.84 -28.22
CA VAL A 200 19.58 -4.15 -27.64
C VAL A 200 20.20 -5.27 -28.45
N ASP A 201 20.88 -6.19 -27.76
CA ASP A 201 21.51 -7.38 -28.41
C ASP A 201 20.67 -8.67 -28.35
N VAL A 202 19.94 -8.82 -27.25
CA VAL A 202 19.15 -10.01 -26.94
C VAL A 202 17.72 -9.56 -26.60
N LEU A 203 16.76 -10.07 -27.37
CA LEU A 203 15.32 -9.77 -27.19
C LEU A 203 14.64 -10.94 -26.52
N ILE A 204 13.85 -10.60 -25.51
CA ILE A 204 13.03 -11.54 -24.79
C ILE A 204 11.59 -11.02 -24.94
N ALA A 205 10.69 -11.92 -25.32
CA ALA A 205 9.31 -11.54 -25.62
C ALA A 205 8.36 -12.73 -25.66
N ASN A 206 7.08 -12.41 -25.81
CA ASN A 206 6.07 -13.35 -26.27
C ASN A 206 5.47 -12.76 -27.53
N GLU A 207 4.50 -13.46 -28.13
CA GLU A 207 3.99 -13.04 -29.43
C GLU A 207 3.24 -11.70 -29.35
N GLU A 208 2.44 -11.52 -28.30
CA GLU A 208 1.76 -10.25 -28.10
C GLU A 208 2.77 -9.10 -28.02
N ASP A 209 3.80 -9.24 -27.19
CA ASP A 209 4.81 -8.21 -27.03
C ASP A 209 5.33 -7.77 -28.42
N ILE A 210 5.63 -8.71 -29.31
CA ILE A 210 6.20 -8.39 -30.62
C ILE A 210 5.18 -7.71 -31.54
N GLU A 211 3.94 -8.18 -31.57
CA GLU A 211 2.92 -7.50 -32.38
C GLU A 211 2.77 -6.08 -31.85
N LYS A 212 2.61 -5.92 -30.55
CA LYS A 212 2.27 -4.62 -29.97
C LYS A 212 3.42 -3.63 -29.99
N VAL A 213 4.57 -4.05 -29.48
CA VAL A 213 5.66 -3.12 -29.28
C VAL A 213 6.49 -2.91 -30.55
N LEU A 214 6.59 -3.94 -31.37
CA LEU A 214 7.42 -3.86 -32.53
C LEU A 214 6.60 -3.76 -33.81
N GLY A 215 5.30 -4.02 -33.72
CA GLY A 215 4.44 -4.01 -34.90
C GLY A 215 4.73 -5.14 -35.88
N ILE A 216 5.28 -6.25 -35.40
CA ILE A 216 5.54 -7.36 -36.28
C ILE A 216 4.66 -8.55 -35.93
N SER A 217 4.17 -9.24 -36.96
CA SER A 217 3.21 -10.33 -36.81
C SER A 217 3.25 -11.35 -37.96
N VAL A 218 2.74 -12.55 -37.68
CA VAL A 218 2.64 -13.65 -38.67
C VAL A 218 1.37 -14.47 -38.40
N GLU A 219 0.84 -15.12 -39.43
CA GLU A 219 -0.35 -15.99 -39.28
C GLU A 219 -0.03 -17.34 -38.62
N GLY A 220 -0.88 -17.74 -37.67
CA GLY A 220 -0.81 -19.06 -37.04
C GLY A 220 0.03 -19.13 -35.78
N LEU A 221 -0.23 -18.23 -34.84
CA LEU A 221 0.50 -18.21 -33.57
C LEU A 221 -0.50 -18.38 -32.42
N ASN A 229 2.66 -24.02 -33.58
CA ASN A 229 3.29 -23.85 -34.90
C ASN A 229 4.69 -23.25 -34.84
N ARG A 230 5.65 -24.16 -34.81
CA ARG A 230 7.05 -23.84 -34.76
C ARG A 230 7.48 -23.01 -35.95
N GLU A 231 7.03 -23.36 -37.16
CA GLU A 231 7.49 -22.64 -38.36
C GLU A 231 7.15 -21.13 -38.25
N ALA A 232 5.98 -20.83 -37.72
CA ALA A 232 5.52 -19.45 -37.60
C ALA A 232 6.38 -18.66 -36.61
N TYR A 233 6.64 -19.26 -35.44
CA TYR A 233 7.48 -18.65 -34.43
C TYR A 233 8.92 -18.46 -34.92
N ALA A 234 9.40 -19.44 -35.69
CA ALA A 234 10.71 -19.31 -36.32
C ALA A 234 10.76 -18.13 -37.28
N LYS A 235 9.70 -17.98 -38.08
CA LYS A 235 9.58 -16.87 -39.04
C LYS A 235 9.51 -15.48 -38.36
N ILE A 236 8.75 -15.37 -37.28
CA ILE A 236 8.68 -14.11 -36.54
C ILE A 236 10.08 -13.72 -36.04
N ALA A 237 10.86 -14.69 -35.58
CA ALA A 237 12.17 -14.37 -34.98
C ALA A 237 13.18 -13.95 -36.04
N GLU A 238 13.07 -14.55 -37.24
CA GLU A 238 13.86 -14.11 -38.35
C GLU A 238 13.55 -12.69 -38.70
N GLU A 239 12.27 -12.38 -38.83
CA GLU A 239 11.84 -11.03 -39.16
C GLU A 239 12.39 -10.02 -38.14
N VAL A 240 12.23 -10.26 -36.83
CA VAL A 240 12.77 -9.30 -35.83
C VAL A 240 14.29 -9.25 -35.92
N THR A 241 14.91 -10.39 -36.23
CA THR A 241 16.37 -10.46 -36.31
C THR A 241 16.89 -9.66 -37.50
N ARG A 242 16.19 -9.73 -38.63
CA ARG A 242 16.57 -8.98 -39.84
C ARG A 242 16.39 -7.47 -39.73
N LYS A 243 15.36 -7.06 -38.99
CA LYS A 243 15.10 -5.64 -38.75
C LYS A 243 16.08 -5.07 -37.72
N TYR A 244 16.37 -5.78 -36.62
CA TYR A 244 17.10 -5.17 -35.51
C TYR A 244 18.47 -5.75 -35.21
N ASN A 245 18.82 -6.79 -35.95
CA ASN A 245 20.13 -7.45 -35.87
C ASN A 245 20.48 -8.06 -34.49
N PHE A 246 19.46 -8.58 -33.80
CA PHE A 246 19.63 -9.17 -32.46
C PHE A 246 20.51 -10.41 -32.55
N LYS A 247 21.40 -10.58 -31.59
CA LYS A 247 22.24 -11.77 -31.51
C LYS A 247 21.36 -12.99 -31.13
N THR A 248 20.32 -12.73 -30.33
CA THR A 248 19.47 -13.78 -29.76
C THR A 248 18.05 -13.28 -29.60
N VAL A 249 17.11 -14.17 -29.91
CA VAL A 249 15.72 -13.94 -29.60
C VAL A 249 15.24 -15.11 -28.79
N GLY A 250 14.72 -14.82 -27.61
CA GLY A 250 14.08 -15.80 -26.72
C GLY A 250 12.62 -15.47 -26.60
N ILE A 251 11.75 -16.46 -26.84
CA ILE A 251 10.32 -16.25 -26.87
C ILE A 251 9.63 -17.32 -26.06
N THR A 252 8.73 -16.87 -25.20
CA THR A 252 8.00 -17.75 -24.29
C THR A 252 6.69 -18.18 -24.96
N LEU A 253 6.26 -19.39 -24.66
CA LEU A 253 5.06 -19.97 -25.26
C LEU A 253 4.14 -20.61 -24.17
N ARG A 254 3.21 -19.80 -23.67
CA ARG A 254 2.26 -20.20 -22.64
C ARG A 254 0.96 -20.59 -23.28
N GLU A 255 0.41 -21.74 -22.90
CA GLU A 255 -0.93 -22.12 -23.33
C GLU A 255 -1.78 -22.18 -22.08
N SER A 256 -2.64 -21.19 -21.91
CA SER A 256 -3.33 -20.95 -20.64
C SER A 256 -4.66 -21.70 -20.54
N ILE A 257 -4.56 -23.00 -20.29
CA ILE A 257 -5.73 -23.88 -20.11
C ILE A 257 -6.70 -23.41 -18.97
N SER A 258 -6.14 -23.07 -17.81
CA SER A 258 -6.86 -22.40 -16.72
C SER A 258 -5.82 -21.70 -15.85
N ALA A 259 -6.25 -21.16 -14.71
CA ALA A 259 -5.30 -20.58 -13.78
C ALA A 259 -4.55 -21.66 -13.03
N THR A 260 -4.99 -22.90 -13.13
CA THR A 260 -4.42 -24.02 -12.39
C THR A 260 -3.44 -24.86 -13.25
N VAL A 261 -3.77 -25.07 -14.52
CA VAL A 261 -2.91 -25.80 -15.50
C VAL A 261 -2.60 -24.94 -16.71
N ASN A 262 -1.30 -24.78 -17.00
CA ASN A 262 -0.80 -24.24 -18.25
C ASN A 262 0.22 -25.22 -18.87
N TYR A 263 0.35 -25.19 -20.18
CA TYR A 263 1.47 -25.78 -20.85
C TYR A 263 2.48 -24.69 -21.05
N TRP A 264 3.76 -25.05 -21.02
CA TRP A 264 4.84 -24.04 -21.08
C TRP A 264 6.03 -24.60 -21.82
N SER A 265 6.56 -23.76 -22.72
CA SER A 265 7.75 -24.09 -23.49
C SER A 265 8.36 -22.79 -23.98
N VAL A 266 9.57 -22.87 -24.51
CA VAL A 266 10.25 -21.65 -25.01
C VAL A 266 10.97 -21.93 -26.29
N VAL A 268 14.50 -20.48 -28.38
CA VAL A 268 15.67 -19.62 -28.49
C VAL A 268 16.06 -19.60 -29.92
N PHE A 269 16.17 -18.41 -30.49
CA PHE A 269 16.60 -18.27 -31.91
C PHE A 269 17.96 -17.58 -31.97
N GLU A 270 18.96 -18.28 -32.46
CA GLU A 270 20.27 -17.68 -32.67
C GLU A 270 21.00 -18.42 -33.78
N ASN A 271 22.02 -17.77 -34.33
CA ASN A 271 22.75 -18.22 -35.53
C ASN A 271 21.82 -18.65 -36.64
N GLY A 272 20.73 -17.91 -36.80
CA GLY A 272 19.78 -18.13 -37.88
C GLY A 272 18.81 -19.28 -37.67
N GLN A 273 18.76 -19.82 -36.45
CA GLN A 273 18.06 -21.10 -36.25
C GLN A 273 17.24 -21.15 -35.00
N PRO A 274 16.04 -21.71 -35.11
CA PRO A 274 15.21 -21.83 -33.92
C PRO A 274 15.53 -23.12 -33.15
N HIS A 275 15.30 -23.07 -31.84
CA HIS A 275 15.54 -24.17 -30.92
C HIS A 275 14.39 -24.18 -29.94
N PHE A 276 13.53 -25.20 -30.01
CA PHE A 276 12.38 -25.35 -29.13
C PHE A 276 12.68 -26.30 -27.98
N SER A 277 12.32 -25.88 -26.75
CA SER A 277 12.47 -26.71 -25.57
C SER A 277 11.40 -27.79 -25.51
N ASN A 278 11.55 -28.67 -24.56
CA ASN A 278 10.46 -29.49 -24.10
C ASN A 278 9.29 -28.62 -23.60
N ARG A 279 8.10 -29.14 -23.77
CA ARG A 279 6.86 -28.54 -23.37
C ARG A 279 6.33 -29.21 -22.10
N TYR A 280 6.05 -28.41 -21.09
CA TYR A 280 5.69 -28.95 -19.79
C TYR A 280 4.22 -28.67 -19.49
N GLU A 281 3.56 -29.60 -18.84
CA GLU A 281 2.23 -29.32 -18.34
C GLU A 281 2.38 -29.02 -16.85
N ILE A 282 1.95 -27.86 -16.40
CA ILE A 282 2.31 -27.41 -15.06
C ILE A 282 1.03 -27.22 -14.26
N HIS A 283 0.93 -27.86 -13.09
CA HIS A 283 -0.02 -27.43 -12.06
C HIS A 283 0.67 -26.34 -11.28
N ILE A 284 0.13 -25.15 -11.38
CA ILE A 284 0.75 -23.93 -10.93
C ILE A 284 0.55 -23.66 -9.43
N VAL A 285 1.64 -23.30 -8.72
CA VAL A 285 1.58 -22.77 -7.35
C VAL A 285 1.55 -21.20 -7.41
N ASP A 286 2.47 -20.63 -8.18
CA ASP A 286 2.58 -19.18 -8.35
C ASP A 286 3.28 -18.87 -9.66
N ARG A 287 2.52 -18.50 -10.69
CA ARG A 287 3.13 -18.20 -12.00
C ARG A 287 3.85 -16.86 -12.06
N VAL A 288 3.64 -15.99 -11.09
CA VAL A 288 4.32 -14.70 -11.07
C VAL A 288 5.86 -14.93 -11.12
N GLY A 289 6.53 -14.16 -11.98
CA GLY A 289 8.01 -14.27 -12.12
C GLY A 289 8.50 -15.29 -13.14
N ALA A 290 7.59 -16.05 -13.75
CA ALA A 290 8.01 -17.18 -14.58
C ALA A 290 8.75 -16.70 -15.85
N GLY A 291 8.15 -15.70 -16.49
CA GLY A 291 8.82 -15.00 -17.60
C GLY A 291 10.13 -14.39 -17.20
N ASP A 292 10.24 -13.90 -15.96
CA ASP A 292 11.49 -13.26 -15.54
C ASP A 292 12.57 -14.28 -15.31
N SER A 293 12.22 -15.46 -14.81
CA SER A 293 13.15 -16.52 -14.65
C SER A 293 13.61 -17.05 -16.01
N PHE A 294 12.71 -17.09 -17.00
CA PHE A 294 13.13 -17.40 -18.38
C PHE A 294 14.26 -16.47 -18.79
N ALA A 295 14.01 -15.18 -18.67
CA ALA A 295 14.96 -14.12 -19.01
C ALA A 295 16.30 -14.26 -18.29
N GLY A 296 16.20 -14.48 -16.98
CA GLY A 296 17.34 -14.82 -16.11
C GLY A 296 18.12 -15.99 -16.61
N ALA A 297 17.40 -17.04 -16.91
CA ALA A 297 18.08 -18.24 -17.38
C ALA A 297 18.72 -18.05 -18.77
N LEU A 298 18.05 -17.29 -19.61
CA LEU A 298 18.60 -17.04 -20.96
C LEU A 298 19.88 -16.20 -20.88
N ILE A 299 19.88 -15.22 -19.97
CA ILE A 299 21.05 -14.37 -19.73
C ILE A 299 22.19 -15.24 -19.17
N TYR A 300 21.85 -16.04 -18.16
CA TYR A 300 22.79 -16.94 -17.54
C TYR A 300 23.41 -17.82 -18.62
N GLY A 301 22.58 -18.48 -19.44
CA GLY A 301 23.08 -19.39 -20.46
C GLY A 301 24.01 -18.72 -21.48
N SER A 302 23.69 -17.49 -21.82
CA SER A 302 24.48 -16.76 -22.77
C SER A 302 25.85 -16.41 -22.16
N LEU A 303 25.87 -15.98 -20.90
CA LEU A 303 27.13 -15.73 -20.19
C LEU A 303 27.94 -16.99 -20.07
N GLY A 305 28.02 -19.48 -22.18
CA GLY A 305 28.39 -20.10 -23.47
C GLY A 305 27.70 -21.43 -23.69
N PHE A 306 26.44 -21.54 -23.23
CA PHE A 306 25.65 -22.78 -23.43
C PHE A 306 25.42 -22.86 -24.91
N ASP A 307 25.35 -24.06 -25.48
CA ASP A 307 24.88 -24.14 -26.86
C ASP A 307 23.40 -23.74 -26.92
N SER A 308 22.94 -23.46 -28.13
CA SER A 308 21.62 -22.88 -28.33
C SER A 308 20.50 -23.77 -27.87
N GLN A 309 20.61 -25.07 -28.15
CA GLN A 309 19.60 -26.01 -27.68
C GLN A 309 19.59 -26.05 -26.15
N LYS A 310 20.78 -26.10 -25.56
CA LYS A 310 20.86 -26.16 -24.10
C LYS A 310 20.35 -24.90 -23.48
N LYS A 311 20.56 -23.76 -24.13
CA LYS A 311 19.96 -22.53 -23.62
C LYS A 311 18.45 -22.62 -23.52
N ALA A 312 17.83 -23.24 -24.52
CA ALA A 312 16.38 -23.36 -24.54
C ALA A 312 15.92 -24.33 -23.47
N GLU A 313 16.57 -25.48 -23.35
CA GLU A 313 16.11 -26.49 -22.40
C GLU A 313 16.28 -26.00 -20.97
N PHE A 314 17.46 -25.43 -20.69
CA PHE A 314 17.77 -24.92 -19.36
C PHE A 314 16.80 -23.81 -18.97
N ALA A 315 16.59 -22.85 -19.86
CA ALA A 315 15.66 -21.75 -19.55
C ALA A 315 14.19 -22.18 -19.47
N ALA A 316 13.75 -23.07 -20.33
CA ALA A 316 12.40 -23.69 -20.15
C ALA A 316 12.29 -24.40 -18.79
N ALA A 317 13.27 -25.24 -18.47
CA ALA A 317 13.28 -25.93 -17.17
C ALA A 317 13.15 -24.98 -15.95
N ALA A 318 13.95 -23.94 -15.96
CA ALA A 318 14.01 -22.95 -14.87
C ALA A 318 12.73 -22.18 -14.69
N SER A 319 12.16 -21.76 -15.78
CA SER A 319 10.96 -20.98 -15.77
C SER A 319 9.74 -21.86 -15.51
N CYS A 320 9.73 -23.10 -15.97
CA CYS A 320 8.78 -24.10 -15.50
C CYS A 320 8.79 -24.24 -13.97
N LEU A 321 9.97 -24.44 -13.42
CA LEU A 321 10.14 -24.59 -11.97
C LEU A 321 9.68 -23.37 -11.19
N LYS A 322 9.92 -22.17 -11.69
CA LYS A 322 9.44 -20.98 -11.01
C LYS A 322 7.91 -21.11 -10.74
N HIS A 323 7.17 -21.70 -11.66
CA HIS A 323 5.70 -21.80 -11.52
C HIS A 323 5.34 -22.55 -10.23
N THR A 324 6.31 -23.26 -9.63
CA THR A 324 6.10 -24.15 -8.45
C THR A 324 6.47 -23.50 -7.12
N ILE A 325 7.03 -22.31 -7.21
CA ILE A 325 7.66 -21.61 -6.06
C ILE A 325 6.86 -20.33 -5.72
N PRO A 326 6.27 -20.26 -4.49
CA PRO A 326 5.57 -19.08 -3.98
C PRO A 326 6.46 -17.84 -4.00
N GLY A 327 5.88 -16.72 -4.44
CA GLY A 327 6.61 -15.47 -4.54
C GLY A 327 7.03 -15.14 -5.95
N ASP A 328 7.88 -14.10 -6.06
CA ASP A 328 8.27 -13.56 -7.36
C ASP A 328 9.67 -14.06 -7.78
N PHE A 329 10.50 -14.44 -6.80
CA PHE A 329 11.87 -14.81 -7.06
C PHE A 329 11.96 -16.35 -7.10
N VAL A 330 12.86 -16.89 -7.92
CA VAL A 330 13.17 -18.31 -7.86
C VAL A 330 13.99 -18.60 -6.60
N VAL A 331 13.81 -19.79 -6.08
CA VAL A 331 14.74 -20.41 -5.13
C VAL A 331 15.13 -21.67 -5.87
N LEU A 332 16.29 -21.66 -6.53
CA LEU A 332 16.70 -22.75 -7.39
C LEU A 332 18.21 -22.83 -7.39
N SER A 333 18.73 -24.06 -7.51
CA SER A 333 20.12 -24.35 -7.82
C SER A 333 20.29 -24.75 -9.28
N ILE A 334 21.50 -24.64 -9.80
CA ILE A 334 21.83 -25.07 -11.15
C ILE A 334 21.47 -26.56 -11.33
N GLU A 335 21.82 -27.36 -10.33
CA GLU A 335 21.62 -28.79 -10.37
C GLU A 335 20.14 -29.15 -10.56
N GLU A 336 19.26 -28.48 -9.82
CA GLU A 336 17.81 -28.74 -9.87
C GLU A 336 17.24 -28.49 -11.24
N ILE A 337 17.61 -27.36 -11.84
CA ILE A 337 17.21 -27.02 -13.19
C ILE A 337 17.75 -28.04 -14.20
N GLU A 338 19.04 -28.35 -14.14
CA GLU A 338 19.60 -29.33 -15.07
C GLU A 338 18.93 -30.67 -14.96
N LYS A 339 18.58 -31.08 -13.75
CA LYS A 339 17.92 -32.35 -13.49
C LYS A 339 16.58 -32.44 -14.24
N LEU A 340 15.84 -31.35 -14.26
CA LEU A 340 14.58 -31.30 -14.98
C LEU A 340 14.84 -31.31 -16.49
N ALA A 341 15.65 -30.37 -16.97
CA ALA A 341 16.03 -30.28 -18.37
C ALA A 341 16.52 -31.62 -18.89
N SER A 342 17.23 -32.39 -18.09
CA SER A 342 17.78 -33.65 -18.56
C SER A 342 16.75 -34.78 -18.75
N GLY A 343 15.47 -34.57 -18.40
CA GLY A 343 14.38 -35.50 -18.78
C GLY A 343 13.40 -35.00 -19.86
N HIS B 12 -34.82 4.76 15.24
CA HIS B 12 -33.56 5.14 16.01
C HIS B 12 -32.78 6.32 15.45
N LYS B 14 -30.35 9.09 14.06
CA LYS B 14 -29.45 9.09 12.94
C LYS B 14 -28.32 9.94 13.36
N VAL B 15 -27.12 9.37 13.30
CA VAL B 15 -25.89 10.11 13.49
C VAL B 15 -24.92 9.92 12.29
N VAL B 16 -24.13 10.94 12.03
CA VAL B 16 -23.35 11.03 10.84
C VAL B 16 -21.93 11.47 11.20
N THR B 17 -20.95 10.78 10.62
CA THR B 17 -19.55 11.18 10.72
C THR B 17 -18.95 11.17 9.33
N PHE B 18 -17.86 11.91 9.18
CA PHE B 18 -17.18 12.14 7.91
C PHE B 18 -15.66 12.19 8.05
N GLY B 19 -14.99 11.46 7.16
CA GLY B 19 -13.54 11.48 7.07
C GLY B 19 -13.03 10.36 6.16
N GLU B 20 -11.79 9.96 6.40
CA GLU B 20 -11.13 8.94 5.62
C GLU B 20 -11.03 7.69 6.40
N ILE B 21 -11.47 6.60 5.79
CA ILE B 21 -11.10 5.26 6.23
C ILE B 21 -9.98 4.63 5.40
N LEU B 23 -7.10 1.22 4.74
CA LEU B 23 -6.59 -0.12 4.97
C LEU B 23 -5.44 -0.03 5.98
N ARG B 24 -5.52 -0.78 7.06
CA ARG B 24 -4.42 -0.83 8.00
C ARG B 24 -3.72 -2.18 7.92
N LEU B 25 -2.39 -2.12 7.85
CA LEU B 25 -1.58 -3.28 7.74
C LEU B 25 -0.62 -3.35 8.92
N SER B 26 -0.70 -4.39 9.72
CA SER B 26 0.17 -4.49 10.86
C SER B 26 0.81 -5.87 10.93
N PRO B 27 2.13 -5.93 11.22
CA PRO B 27 2.70 -7.26 11.44
C PRO B 27 2.11 -7.85 12.71
N PRO B 28 2.02 -9.16 12.73
CA PRO B 28 1.59 -9.87 13.95
C PRO B 28 2.67 -9.93 15.02
N ASP B 29 2.27 -10.19 16.26
CA ASP B 29 3.19 -10.69 17.30
C ASP B 29 4.36 -9.77 17.59
N HIS B 30 4.06 -8.47 17.59
CA HIS B 30 5.04 -7.41 17.87
C HIS B 30 6.22 -7.36 16.87
N LYS B 31 6.10 -8.06 15.74
CA LYS B 31 7.09 -7.97 14.68
C LYS B 31 7.15 -6.55 14.10
N ARG B 32 8.35 -6.19 13.67
CA ARG B 32 8.60 -4.99 12.88
C ARG B 32 8.38 -5.27 11.40
N ILE B 33 7.97 -4.24 10.68
CA ILE B 33 7.75 -4.30 9.22
C ILE B 33 8.89 -5.01 8.48
N PHE B 34 10.12 -4.66 8.84
CA PHE B 34 11.33 -5.27 8.28
C PHE B 34 11.38 -6.78 8.38
N GLN B 35 10.82 -7.35 9.45
CA GLN B 35 11.01 -8.77 9.68
C GLN B 35 9.80 -9.63 9.23
N THR B 36 8.72 -9.04 8.77
CA THR B 36 7.48 -9.80 8.68
C THR B 36 7.29 -10.36 7.27
N ASP B 37 6.68 -11.55 7.22
CA ASP B 37 6.20 -12.13 5.96
C ASP B 37 4.72 -12.10 5.81
N SER B 38 4.04 -11.42 6.73
CA SER B 38 2.64 -11.10 6.57
C SER B 38 2.19 -9.89 7.34
N PHE B 39 1.05 -9.35 6.93
CA PHE B 39 0.38 -8.24 7.60
C PHE B 39 -1.04 -8.68 7.91
N ASP B 40 -1.45 -8.47 9.16
CA ASP B 40 -2.85 -8.50 9.55
C ASP B 40 -3.58 -7.32 8.91
N VAL B 41 -4.82 -7.55 8.47
CA VAL B 41 -5.54 -6.57 7.69
C VAL B 41 -6.70 -6.12 8.54
N THR B 42 -6.91 -4.82 8.59
CA THR B 42 -8.18 -4.25 9.04
C THR B 42 -8.37 -2.91 8.34
N TYR B 43 -9.49 -2.28 8.63
CA TYR B 43 -9.87 -1.00 8.05
C TYR B 43 -10.28 -0.05 9.19
N GLY B 44 -9.81 1.20 9.14
CA GLY B 44 -10.09 2.15 10.19
C GLY B 44 -9.72 3.56 9.87
N GLY B 45 -10.21 4.45 10.70
CA GLY B 45 -9.94 5.86 10.59
C GLY B 45 -10.73 6.59 11.67
N ALA B 46 -10.18 7.71 12.17
CA ALA B 46 -10.78 8.47 13.30
C ALA B 46 -12.30 8.47 13.30
N GLU B 47 -12.90 9.06 12.27
CA GLU B 47 -14.34 9.20 12.21
C GLU B 47 -15.09 7.95 11.83
N ALA B 48 -14.47 7.06 11.04
CA ALA B 48 -15.04 5.76 10.81
C ALA B 48 -15.17 5.05 12.12
N ASN B 49 -14.17 5.22 12.98
CA ASN B 49 -14.14 4.50 14.26
C ASN B 49 -15.27 4.98 15.21
N VAL B 50 -15.50 6.28 15.18
CA VAL B 50 -16.64 6.87 15.89
C VAL B 50 -17.99 6.32 15.41
N ALA B 51 -18.18 6.29 14.11
CA ALA B 51 -19.41 5.73 13.55
C ALA B 51 -19.59 4.29 13.98
N ALA B 52 -18.49 3.53 13.99
CA ALA B 52 -18.52 2.12 14.40
C ALA B 52 -18.92 2.01 15.85
N PHE B 53 -18.48 2.95 16.67
CA PHE B 53 -18.84 2.96 18.07
C PHE B 53 -20.35 3.15 18.24
N LEU B 54 -20.86 4.20 17.60
CA LEU B 54 -22.26 4.55 17.69
C LEU B 54 -23.17 3.45 17.13
N ALA B 55 -22.75 2.82 16.04
CA ALA B 55 -23.45 1.70 15.47
C ALA B 55 -23.53 0.56 16.50
N GLN B 56 -22.44 0.32 17.18
CA GLN B 56 -22.39 -0.72 18.21
C GLN B 56 -23.29 -0.44 19.42
N GLY B 58 -26.12 0.96 18.97
CA GLY B 58 -27.44 0.73 18.45
C GLY B 58 -28.08 1.93 17.76
N LEU B 59 -27.27 2.93 17.43
CA LEU B 59 -27.76 4.11 16.69
C LEU B 59 -27.67 3.86 15.19
N ASP B 60 -28.43 4.64 14.42
CA ASP B 60 -28.32 4.64 12.94
C ASP B 60 -27.16 5.54 12.53
N ALA B 61 -25.99 4.94 12.52
CA ALA B 61 -24.74 5.63 12.26
C ALA B 61 -24.42 5.47 10.80
N TYR B 62 -24.20 6.59 10.14
CA TYR B 62 -23.78 6.62 8.73
C TYR B 62 -22.42 7.24 8.70
N PHE B 63 -21.51 6.66 7.92
CA PHE B 63 -20.17 7.18 7.69
C PHE B 63 -20.07 7.67 6.26
N VAL B 64 -19.66 8.91 6.12
CA VAL B 64 -19.57 9.57 4.86
C VAL B 64 -18.10 9.63 4.46
N THR B 65 -17.81 9.16 3.25
CA THR B 65 -16.47 9.23 2.70
C THR B 65 -16.51 8.91 1.20
N LYS B 66 -15.34 8.63 0.63
CA LYS B 66 -15.25 8.22 -0.72
C LYS B 66 -14.22 7.11 -0.79
N LEU B 67 -14.55 6.06 -1.53
CA LEU B 67 -13.67 4.93 -1.74
C LEU B 67 -13.56 4.54 -3.20
N PRO B 68 -12.46 3.90 -3.59
CA PRO B 68 -12.36 3.44 -4.97
C PRO B 68 -13.28 2.26 -5.23
N ASN B 69 -13.66 2.09 -6.49
CA ASN B 69 -14.33 0.87 -6.94
C ASN B 69 -13.30 -0.19 -7.19
N ASN B 70 -12.77 -0.71 -6.09
CA ASN B 70 -11.82 -1.84 -6.17
C ASN B 70 -12.02 -2.73 -4.96
N PRO B 71 -11.35 -3.90 -4.90
CA PRO B 71 -11.68 -4.75 -3.76
C PRO B 71 -11.37 -4.22 -2.38
N LEU B 72 -10.38 -3.33 -2.28
CA LEU B 72 -10.05 -2.74 -0.99
C LEU B 72 -11.17 -1.79 -0.56
N GLY B 73 -11.65 -0.99 -1.52
CA GLY B 73 -12.79 -0.13 -1.31
C GLY B 73 -13.99 -0.94 -0.90
N ASP B 74 -14.26 -2.03 -1.63
CA ASP B 74 -15.34 -2.96 -1.27
C ASP B 74 -15.21 -3.52 0.15
N ALA B 75 -14.00 -3.96 0.50
CA ALA B 75 -13.76 -4.56 1.82
C ALA B 75 -13.87 -3.55 2.97
N ALA B 76 -13.40 -2.33 2.76
CA ALA B 76 -13.56 -1.27 3.77
C ALA B 76 -15.06 -1.03 4.04
N ALA B 77 -15.86 -0.90 2.97
CA ALA B 77 -17.31 -0.69 3.10
C ALA B 77 -17.99 -1.90 3.79
N GLY B 78 -17.56 -3.12 3.43
CA GLY B 78 -18.08 -4.32 4.06
C GLY B 78 -17.78 -4.44 5.55
N HIS B 79 -16.60 -3.99 5.93
CA HIS B 79 -16.15 -3.96 7.32
C HIS B 79 -17.01 -3.02 8.14
N LEU B 80 -17.27 -1.87 7.57
CA LEU B 80 -18.17 -0.88 8.14
C LEU B 80 -19.57 -1.47 8.33
N ARG B 81 -20.11 -2.11 7.31
CA ARG B 81 -21.43 -2.76 7.44
C ARG B 81 -21.44 -3.89 8.46
N LYS B 82 -20.37 -4.69 8.47
CA LYS B 82 -20.29 -5.74 9.43
C LYS B 82 -20.57 -5.18 10.86
N PHE B 83 -20.01 -4.03 11.16
CA PHE B 83 -20.13 -3.43 12.46
C PHE B 83 -21.41 -2.65 12.64
N GLY B 84 -22.30 -2.73 11.65
CA GLY B 84 -23.58 -2.06 11.73
C GLY B 84 -23.61 -0.65 11.15
N VAL B 85 -22.51 -0.19 10.58
CA VAL B 85 -22.46 1.19 10.09
C VAL B 85 -23.18 1.23 8.74
N LYS B 86 -23.98 2.26 8.46
CA LYS B 86 -24.66 2.39 7.16
C LYS B 86 -23.75 3.11 6.14
N THR B 87 -23.66 2.54 4.95
CA THR B 87 -22.72 2.99 3.93
C THR B 87 -23.40 3.68 2.74
N ASP B 88 -24.66 4.06 2.91
CA ASP B 88 -25.45 4.64 1.83
C ASP B 88 -24.79 5.89 1.22
N TYR B 89 -24.06 6.64 2.03
CA TYR B 89 -23.52 7.95 1.61
C TYR B 89 -22.03 7.88 1.31
N ILE B 90 -21.51 6.68 1.10
CA ILE B 90 -20.17 6.55 0.58
C ILE B 90 -20.17 6.75 -0.95
N ALA B 91 -19.52 7.82 -1.39
CA ALA B 91 -19.25 8.04 -2.81
C ALA B 91 -18.19 7.04 -3.28
N ARG B 92 -18.27 6.63 -4.55
CA ARG B 92 -17.34 5.69 -5.09
C ARG B 92 -16.70 6.30 -6.33
N GLY B 93 -15.37 6.23 -6.36
CA GLY B 93 -14.59 6.56 -7.51
C GLY B 93 -13.17 6.81 -7.06
N GLY B 94 -12.34 7.36 -7.92
CA GLY B 94 -10.97 7.60 -7.53
C GLY B 94 -10.11 6.36 -7.76
N ASN B 95 -8.82 6.50 -7.47
CA ASN B 95 -7.85 5.52 -7.93
C ASN B 95 -7.35 4.55 -6.91
N ARG B 96 -7.47 4.89 -5.62
CA ARG B 96 -6.96 4.04 -4.57
C ARG B 96 -7.49 4.35 -3.21
N ILE B 97 -7.30 3.39 -2.34
CA ILE B 97 -7.54 3.58 -0.94
C ILE B 97 -6.27 3.99 -0.22
N GLY B 98 -6.42 4.83 0.80
CA GLY B 98 -5.27 5.17 1.66
C GLY B 98 -4.91 3.99 2.54
N ILE B 99 -3.64 3.91 2.93
CA ILE B 99 -3.06 2.83 3.69
C ILE B 99 -2.23 3.41 4.83
N TYR B 100 -2.28 2.78 5.98
CA TYR B 100 -1.19 2.95 6.92
C TYR B 100 -0.70 1.62 7.47
N PHE B 101 0.61 1.57 7.70
CA PHE B 101 1.27 0.39 8.27
C PHE B 101 1.54 0.72 9.72
N LEU B 102 1.30 -0.23 10.60
CA LEU B 102 1.39 -0.01 12.03
C LEU B 102 2.19 -1.17 12.67
N GLU B 103 3.33 -0.86 13.25
CA GLU B 103 4.07 -1.74 14.12
C GLU B 103 3.51 -1.45 15.49
N ILE B 104 2.95 -2.46 16.12
CA ILE B 104 2.44 -2.37 17.45
C ILE B 104 3.64 -2.56 18.39
N GLY B 105 3.94 -1.54 19.18
CA GLY B 105 5.10 -1.56 20.03
C GLY B 105 4.91 -2.30 21.33
N ALA B 106 5.98 -2.33 22.11
CA ALA B 106 6.01 -3.01 23.37
C ALA B 106 7.01 -2.34 24.27
N SER B 107 6.65 -2.21 25.55
CA SER B 107 7.52 -1.67 26.57
C SER B 107 8.16 -0.31 26.08
N GLN B 108 9.47 -0.20 26.02
CA GLN B 108 10.14 1.03 25.67
C GLN B 108 10.17 1.33 24.15
N ARG B 109 9.66 0.42 23.32
CA ARG B 109 9.63 0.62 21.90
C ARG B 109 8.22 1.08 21.52
N PRO B 110 8.09 2.35 21.11
CA PRO B 110 6.77 2.87 20.78
C PRO B 110 6.22 2.24 19.52
N SER B 111 4.91 2.18 19.38
CA SER B 111 4.32 1.87 18.11
C SER B 111 4.75 2.85 17.05
N LYS B 112 4.73 2.42 15.79
CA LYS B 112 5.28 3.20 14.69
C LYS B 112 4.32 3.06 13.54
N VAL B 113 3.96 4.20 12.95
CA VAL B 113 3.08 4.26 11.79
C VAL B 113 3.86 4.76 10.57
N VAL B 114 3.72 4.08 9.46
CA VAL B 114 4.14 4.59 8.18
C VAL B 114 2.88 4.91 7.41
N TYR B 115 2.68 6.19 7.06
CA TYR B 115 1.47 6.54 6.29
C TYR B 115 1.71 6.34 4.79
N ASP B 116 0.67 5.89 4.10
CA ASP B 116 0.64 5.83 2.67
C ASP B 116 -0.78 6.17 2.18
N ARG B 117 -1.23 7.37 2.52
CA ARG B 117 -2.60 7.83 2.24
C ARG B 117 -2.75 8.87 1.12
N ALA B 118 -1.65 9.43 0.61
CA ALA B 118 -1.73 10.49 -0.39
C ALA B 118 -2.44 9.97 -1.61
N HIS B 119 -3.23 10.84 -2.27
CA HIS B 119 -3.92 10.51 -3.53
C HIS B 119 -5.00 9.41 -3.39
N SER B 120 -5.52 9.26 -2.19
CA SER B 120 -6.67 8.45 -1.91
C SER B 120 -7.92 9.07 -2.56
N ALA B 121 -8.90 8.24 -2.86
CA ALA B 121 -10.15 8.71 -3.42
C ALA B 121 -10.77 9.87 -2.63
N ILE B 122 -10.82 9.71 -1.30
CA ILE B 122 -11.24 10.80 -0.41
C ILE B 122 -10.37 12.05 -0.49
N SER B 123 -9.05 11.90 -0.58
CA SER B 123 -8.20 13.11 -0.67
C SER B 123 -8.57 13.94 -1.89
N GLU B 124 -9.05 13.29 -2.93
CA GLU B 124 -9.35 13.96 -4.19
C GLU B 124 -10.84 14.19 -4.42
N ALA B 125 -11.65 13.96 -3.38
CA ALA B 125 -13.07 14.17 -3.49
C ALA B 125 -13.39 15.64 -3.84
N LYS B 126 -14.52 15.79 -4.55
CA LYS B 126 -15.06 17.09 -4.95
C LYS B 126 -16.32 17.39 -4.15
N ARG B 127 -16.70 18.65 -4.06
CA ARG B 127 -17.85 19.01 -3.23
C ARG B 127 -19.17 18.39 -3.74
N GLU B 128 -19.29 18.27 -5.05
CA GLU B 128 -20.46 17.65 -5.69
C GLU B 128 -20.63 16.17 -5.30
N ASP B 129 -19.57 15.53 -4.81
CA ASP B 129 -19.63 14.13 -4.41
C ASP B 129 -20.57 13.90 -3.23
N PHE B 130 -20.91 14.95 -2.48
CA PHE B 130 -21.68 14.83 -1.24
C PHE B 130 -22.92 15.76 -1.13
N ASP B 131 -24.12 15.17 -1.10
CA ASP B 131 -25.42 15.88 -1.00
C ASP B 131 -25.76 16.04 0.47
N TRP B 132 -25.34 17.17 1.06
CA TRP B 132 -25.44 17.34 2.51
C TRP B 132 -26.89 17.48 3.01
N GLU B 133 -27.74 18.09 2.20
CA GLU B 133 -29.17 18.18 2.53
C GLU B 133 -29.76 16.78 2.74
N LYS B 134 -29.43 15.85 1.84
CA LYS B 134 -29.95 14.47 1.94
C LYS B 134 -29.26 13.71 3.10
N ILE B 135 -27.95 13.92 3.25
CA ILE B 135 -27.10 13.19 4.23
C ILE B 135 -27.52 13.54 5.65
N LEU B 136 -27.72 14.83 5.88
CA LEU B 136 -27.97 15.33 7.23
C LEU B 136 -29.46 15.49 7.52
N ASP B 137 -30.32 15.12 6.57
CA ASP B 137 -31.74 15.16 6.86
C ASP B 137 -32.10 14.17 7.95
N GLY B 138 -32.73 14.66 9.01
CA GLY B 138 -33.13 13.83 10.14
C GLY B 138 -32.02 13.45 11.08
N ALA B 139 -30.79 13.93 10.81
CA ALA B 139 -29.64 13.61 11.65
C ALA B 139 -29.74 14.29 12.99
N ARG B 140 -29.43 13.58 14.07
CA ARG B 140 -29.35 14.21 15.40
C ARG B 140 -27.93 14.62 15.76
N TRP B 141 -26.96 14.33 14.92
CA TRP B 141 -25.55 14.59 15.27
C TRP B 141 -24.66 14.43 14.05
N PHE B 142 -23.60 15.24 14.03
CA PHE B 142 -22.58 15.24 13.04
C PHE B 142 -21.21 15.39 13.72
N HIS B 143 -20.31 14.46 13.46
CA HIS B 143 -18.98 14.48 14.03
C HIS B 143 -17.98 14.55 12.90
N PHE B 144 -16.89 15.30 13.11
CA PHE B 144 -15.73 15.33 12.20
C PHE B 144 -14.45 15.50 13.02
N SER B 145 -13.28 15.32 12.40
CA SER B 145 -12.01 15.58 13.09
C SER B 145 -11.07 16.46 12.26
N GLY B 146 -10.08 17.04 12.92
CA GLY B 146 -9.05 17.87 12.26
C GLY B 146 -8.00 17.10 11.46
N ILE B 147 -8.18 15.80 11.39
CA ILE B 147 -7.33 15.00 10.50
C ILE B 147 -7.75 15.28 9.06
N THR B 148 -9.03 15.58 8.84
CA THR B 148 -9.60 15.53 7.49
C THR B 148 -9.29 16.72 6.55
N PRO B 149 -9.45 17.96 7.02
CA PRO B 149 -9.22 19.14 6.14
C PRO B 149 -7.85 19.17 5.38
N PRO B 150 -6.74 18.81 6.06
CA PRO B 150 -5.46 18.84 5.35
C PRO B 150 -5.23 17.73 4.32
N LEU B 151 -6.11 16.74 4.27
CA LEU B 151 -5.93 15.57 3.42
C LEU B 151 -6.03 15.86 1.94
N GLY B 152 -6.72 16.92 1.54
CA GLY B 152 -6.94 17.19 0.13
C GLY B 152 -7.51 18.58 -0.14
N LYS B 153 -7.41 19.03 -1.39
CA LYS B 153 -7.67 20.43 -1.76
C LYS B 153 -9.08 20.89 -1.43
N GLU B 154 -10.07 20.04 -1.65
CA GLU B 154 -11.46 20.48 -1.45
C GLU B 154 -12.03 20.07 -0.11
N LEU B 155 -11.28 19.37 0.74
CA LEU B 155 -11.91 18.90 1.99
C LEU B 155 -12.33 20.02 2.97
N PRO B 156 -11.53 21.08 3.07
CA PRO B 156 -11.99 22.25 3.86
C PRO B 156 -13.34 22.81 3.40
N LEU B 157 -13.57 22.81 2.09
CA LEU B 157 -14.79 23.34 1.56
C LEU B 157 -15.94 22.34 1.65
N ILE B 158 -15.61 21.07 1.52
CA ILE B 158 -16.56 19.99 1.75
C ILE B 158 -17.04 20.05 3.21
N LEU B 159 -16.11 20.20 4.14
CA LEU B 159 -16.50 20.27 5.55
C LEU B 159 -17.38 21.51 5.86
N GLU B 160 -17.07 22.61 5.19
CA GLU B 160 -17.80 23.85 5.36
C GLU B 160 -19.21 23.68 4.83
N ASP B 161 -19.35 23.03 3.67
CA ASP B 161 -20.68 22.73 3.11
C ASP B 161 -21.51 21.95 4.15
N ALA B 162 -20.89 20.93 4.74
CA ALA B 162 -21.59 20.08 5.70
C ALA B 162 -21.95 20.86 6.95
N LEU B 163 -21.04 21.70 7.43
CA LEU B 163 -21.27 22.41 8.67
C LEU B 163 -22.35 23.47 8.51
N LYS B 164 -22.44 24.06 7.33
CA LYS B 164 -23.47 25.07 7.11
C LYS B 164 -24.85 24.41 7.10
N VAL B 165 -24.93 23.21 6.52
CA VAL B 165 -26.17 22.47 6.49
C VAL B 165 -26.52 21.96 7.88
N ALA B 166 -25.52 21.50 8.63
CA ALA B 166 -25.77 21.10 10.01
C ALA B 166 -26.35 22.27 10.82
N ASN B 167 -25.77 23.45 10.62
CA ASN B 167 -26.25 24.65 11.32
C ASN B 167 -27.68 24.99 10.97
N GLU B 168 -28.00 24.91 9.68
CA GLU B 168 -29.34 25.22 9.22
C GLU B 168 -30.38 24.22 9.75
N LYS B 169 -30.02 22.93 9.80
CA LYS B 169 -30.94 21.93 10.32
C LYS B 169 -30.97 21.87 11.85
N GLY B 170 -30.09 22.61 12.53
CA GLY B 170 -29.96 22.57 13.98
C GLY B 170 -29.41 21.23 14.53
N VAL B 171 -28.49 20.62 13.80
CA VAL B 171 -27.89 19.31 14.15
C VAL B 171 -26.69 19.54 15.06
N THR B 172 -26.59 18.80 16.16
CA THR B 172 -25.46 19.00 17.08
C THR B 172 -24.16 18.58 16.42
N VAL B 173 -23.09 19.32 16.75
CA VAL B 173 -21.81 19.12 16.13
C VAL B 173 -20.67 18.95 17.12
N SER B 174 -19.95 17.85 16.93
CA SER B 174 -18.74 17.54 17.64
C SER B 174 -17.52 17.56 16.67
N CYS B 175 -16.39 17.98 17.23
CA CYS B 175 -15.12 17.99 16.55
C CYS B 175 -14.02 17.49 17.45
N ASP B 176 -13.28 16.49 16.97
CA ASP B 176 -12.06 16.02 17.63
C ASP B 176 -10.87 16.66 16.95
N LEU B 177 -10.21 17.57 17.65
CA LEU B 177 -9.20 18.40 17.02
C LEU B 177 -8.13 17.61 16.32
N ASN B 178 -7.66 16.53 16.96
CA ASN B 178 -6.71 15.62 16.34
C ASN B 178 -5.63 16.31 15.50
N TYR B 179 -4.87 17.23 16.12
CA TYR B 179 -3.73 17.87 15.43
C TYR B 179 -2.76 16.82 14.95
N ARG B 180 -2.37 16.88 13.68
CA ARG B 180 -1.26 16.00 13.25
C ARG B 180 -0.18 16.86 12.61
N ALA B 181 1.06 16.69 13.09
CA ALA B 181 2.19 17.48 12.57
C ALA B 181 2.55 17.04 11.13
N ARG B 182 2.60 15.72 10.86
CA ARG B 182 2.77 15.18 9.48
C ARG B 182 1.91 15.84 8.40
N LEU B 183 0.71 16.28 8.77
CA LEU B 183 -0.30 16.72 7.80
C LEU B 183 -0.33 18.22 7.65
N TRP B 184 -0.09 18.91 8.77
CA TRP B 184 0.06 20.34 8.71
C TRP B 184 0.74 20.90 9.95
N THR B 185 1.08 22.18 9.79
CA THR B 185 1.75 22.97 10.80
C THR B 185 0.76 23.57 11.76
N LYS B 186 1.29 23.90 12.95
CA LYS B 186 0.50 24.47 14.05
C LYS B 186 -0.23 25.72 13.53
N GLU B 187 0.51 26.55 12.77
CA GLU B 187 -0.06 27.73 12.12
C GLU B 187 -1.16 27.36 11.11
N GLU B 188 -0.98 26.24 10.41
CA GLU B 188 -1.86 25.89 9.29
C GLU B 188 -3.24 25.43 9.79
N ALA B 189 -3.21 24.61 10.84
CA ALA B 189 -4.41 24.16 11.55
C ALA B 189 -5.29 25.35 12.02
N GLN B 190 -4.61 26.32 12.62
CA GLN B 190 -5.29 27.48 13.17
C GLN B 190 -6.09 28.26 12.12
N LYS B 191 -5.56 28.40 10.91
CA LYS B 191 -6.26 29.21 9.88
C LYS B 191 -7.62 28.60 9.47
N VAL B 192 -7.72 27.28 9.54
CA VAL B 192 -8.85 26.54 8.97
C VAL B 192 -9.89 26.13 10.03
N ILE B 194 -10.31 27.27 13.39
CA ILE B 194 -10.89 28.31 14.27
C ILE B 194 -12.18 28.89 13.64
N PRO B 195 -12.16 29.19 12.33
CA PRO B 195 -13.47 29.45 11.72
C PRO B 195 -14.53 28.33 11.90
N PHE B 196 -14.11 27.06 11.95
CA PHE B 196 -15.07 25.95 12.11
C PHE B 196 -15.71 25.86 13.50
N GLU B 198 -17.12 28.01 15.14
CA GLU B 198 -18.43 28.67 15.10
C GLU B 198 -19.59 27.69 15.06
N TYR B 199 -19.39 26.53 14.45
CA TYR B 199 -20.47 25.53 14.38
C TYR B 199 -20.24 24.29 15.28
N VAL B 200 -19.21 24.30 16.14
CA VAL B 200 -18.97 23.15 17.01
C VAL B 200 -19.56 23.36 18.38
N ASP B 201 -20.35 22.38 18.80
CA ASP B 201 -21.00 22.41 20.12
C ASP B 201 -20.22 21.62 21.18
N VAL B 202 -19.55 20.56 20.74
CA VAL B 202 -18.84 19.65 21.64
C VAL B 202 -17.42 19.48 21.10
N LEU B 203 -16.43 19.84 21.93
CA LEU B 203 -15.05 19.72 21.57
C LEU B 203 -14.42 18.48 22.23
N ILE B 204 -13.72 17.68 21.44
CA ILE B 204 -12.88 16.59 21.93
C ILE B 204 -11.44 16.93 21.58
N ALA B 205 -10.53 16.80 22.53
CA ALA B 205 -9.14 17.27 22.37
C ALA B 205 -8.16 16.70 23.42
N ASN B 206 -6.89 17.03 23.24
CA ASN B 206 -5.89 16.80 24.30
C ASN B 206 -5.02 18.07 24.45
N GLU B 207 -4.16 18.05 25.48
CA GLU B 207 -3.32 19.21 25.81
C GLU B 207 -2.71 19.72 24.53
N GLU B 208 -2.12 18.79 23.79
CA GLU B 208 -1.38 19.09 22.57
C GLU B 208 -2.24 19.78 21.49
N ASP B 209 -3.44 19.24 21.26
CA ASP B 209 -4.30 19.74 20.18
C ASP B 209 -4.71 21.14 20.54
N ILE B 210 -4.93 21.39 21.81
CA ILE B 210 -5.46 22.68 22.21
C ILE B 210 -4.39 23.79 21.98
N GLU B 211 -3.13 23.48 22.28
CA GLU B 211 -2.04 24.43 22.13
C GLU B 211 -1.89 24.79 20.66
N LYS B 212 -1.68 23.75 19.83
CA LYS B 212 -1.33 23.95 18.40
C LYS B 212 -2.50 24.49 17.56
N VAL B 213 -3.70 23.97 17.79
CA VAL B 213 -4.86 24.35 16.97
C VAL B 213 -5.59 25.55 17.47
N LEU B 214 -5.72 25.68 18.79
CA LEU B 214 -6.52 26.73 19.38
C LEU B 214 -5.70 27.94 19.91
N GLY B 215 -4.38 27.78 19.99
CA GLY B 215 -3.52 28.84 20.55
C GLY B 215 -3.78 29.09 22.02
N ILE B 216 -4.07 28.01 22.77
CA ILE B 216 -4.33 28.12 24.21
C ILE B 216 -3.40 27.16 24.97
N SER B 217 -2.72 27.68 26.00
CA SER B 217 -1.75 26.90 26.76
C SER B 217 -1.77 27.20 28.27
N VAL B 218 -1.52 26.17 29.07
CA VAL B 218 -1.48 26.26 30.53
C VAL B 218 -0.37 25.36 31.11
N GLU B 219 0.21 25.76 32.24
CA GLU B 219 1.33 25.07 32.87
C GLU B 219 0.91 23.78 33.60
N GLY B 220 1.76 22.74 33.52
CA GLY B 220 1.61 21.55 34.36
C GLY B 220 0.62 20.51 33.85
N LEU B 221 0.77 20.10 32.59
CA LEU B 221 -0.16 19.17 31.95
C LEU B 221 0.49 17.91 31.34
N ASP B 222 1.81 17.74 31.43
CA ASP B 222 2.53 16.69 30.66
C ASP B 222 2.03 15.27 30.99
N ASN B 229 -2.51 16.71 37.11
CA ASN B 229 -3.04 17.90 37.80
C ASN B 229 -4.39 18.44 37.28
N ARG B 230 -5.41 18.25 38.10
CA ARG B 230 -6.80 18.56 37.76
C ARG B 230 -7.07 20.05 37.57
N GLU B 231 -6.52 20.88 38.44
CA GLU B 231 -6.81 22.29 38.37
C GLU B 231 -6.30 22.87 37.05
N ALA B 232 -5.18 22.34 36.57
CA ALA B 232 -4.61 22.77 35.30
C ALA B 232 -5.52 22.43 34.16
N TYR B 233 -5.98 21.17 34.15
CA TYR B 233 -6.94 20.69 33.15
C TYR B 233 -8.28 21.42 33.20
N ALA B 234 -8.78 21.72 34.39
CA ALA B 234 -10.02 22.49 34.50
C ALA B 234 -9.81 23.90 33.94
N LYS B 235 -8.65 24.47 34.21
CA LYS B 235 -8.34 25.81 33.76
C LYS B 235 -8.32 25.91 32.23
N ILE B 236 -7.71 24.95 31.56
CA ILE B 236 -7.62 25.00 30.10
C ILE B 236 -8.99 24.88 29.46
N ALA B 237 -9.85 24.02 30.05
CA ALA B 237 -11.21 23.78 29.57
C ALA B 237 -12.10 24.98 29.76
N GLU B 238 -12.00 25.68 30.88
CA GLU B 238 -12.74 26.92 31.03
C GLU B 238 -12.23 28.02 30.08
N GLU B 239 -10.93 28.07 29.81
CA GLU B 239 -10.39 29.07 28.89
C GLU B 239 -10.86 28.80 27.47
N VAL B 240 -10.86 27.54 27.08
CA VAL B 240 -11.39 27.12 25.78
C VAL B 240 -12.87 27.51 25.66
N THR B 241 -13.60 27.32 26.74
CA THR B 241 -15.06 27.48 26.76
C THR B 241 -15.44 28.94 26.77
N ARG B 242 -14.62 29.74 27.45
CA ARG B 242 -14.76 31.19 27.45
C ARG B 242 -14.61 31.74 26.03
N LYS B 243 -13.55 31.31 25.34
CA LYS B 243 -13.23 31.77 24.00
C LYS B 243 -14.24 31.31 22.92
N TYR B 244 -14.70 30.05 22.93
CA TYR B 244 -15.51 29.49 21.81
C TYR B 244 -16.93 28.99 22.19
N ASN B 245 -17.26 29.07 23.48
CA ASN B 245 -18.58 28.71 23.98
C ASN B 245 -19.14 27.33 23.65
N PHE B 246 -18.30 26.32 23.81
CA PHE B 246 -18.72 24.93 23.71
C PHE B 246 -19.62 24.49 24.86
N LYS B 247 -20.67 23.74 24.52
CA LYS B 247 -21.54 23.08 25.49
C LYS B 247 -20.77 22.07 26.37
N THR B 248 -19.82 21.36 25.76
CA THR B 248 -19.05 20.28 26.41
C THR B 248 -17.61 20.32 25.94
N VAL B 249 -16.65 20.14 26.85
CA VAL B 249 -15.28 19.84 26.47
C VAL B 249 -14.82 18.51 27.10
N GLY B 250 -14.36 17.61 26.25
CA GLY B 250 -13.94 16.28 26.66
C GLY B 250 -12.47 16.13 26.36
N ILE B 251 -11.70 15.80 27.40
CA ILE B 251 -10.26 15.63 27.30
C ILE B 251 -9.80 14.29 27.85
N THR B 252 -9.08 13.55 27.02
CA THR B 252 -8.47 12.29 27.40
C THR B 252 -7.12 12.57 28.07
N LEU B 253 -6.81 11.77 29.09
CA LEU B 253 -5.62 11.94 29.91
C LEU B 253 -4.84 10.60 29.95
N ARG B 254 -4.00 10.39 28.94
CA ARG B 254 -3.11 9.22 28.91
C ARG B 254 -1.82 9.54 29.64
N GLU B 255 -1.40 8.65 30.55
CA GLU B 255 -0.11 8.76 31.22
C GLU B 255 0.74 7.64 30.66
N SER B 256 1.67 7.96 29.76
CA SER B 256 2.33 6.92 28.94
C SER B 256 3.66 6.49 29.50
N ILE B 257 3.54 5.58 30.47
CA ILE B 257 4.68 4.83 31.02
C ILE B 257 5.51 4.08 29.90
N SER B 258 4.77 3.44 28.96
CA SER B 258 5.34 2.65 27.88
C SER B 258 4.29 2.31 26.81
N ALA B 259 4.68 1.47 25.86
CA ALA B 259 3.75 0.99 24.89
C ALA B 259 2.93 -0.19 25.45
N THR B 260 3.27 -0.66 26.66
CA THR B 260 2.61 -1.85 27.24
C THR B 260 1.60 -1.44 28.32
N VAL B 261 2.04 -0.63 29.27
CA VAL B 261 1.20 -0.19 30.38
C VAL B 261 1.02 1.33 30.29
N ASN B 262 -0.24 1.80 30.29
CA ASN B 262 -0.58 3.24 30.49
C ASN B 262 -1.64 3.38 31.56
N TYR B 263 -1.64 4.54 32.21
CA TYR B 263 -2.78 4.98 33.01
C TYR B 263 -3.68 5.81 32.13
N TRP B 264 -4.99 5.69 32.38
CA TRP B 264 -5.97 6.23 31.46
C TRP B 264 -7.14 6.78 32.25
N SER B 265 -7.49 8.01 31.94
CA SER B 265 -8.70 8.66 32.48
C SER B 265 -9.15 9.76 31.50
N VAL B 266 -10.35 10.28 31.73
CA VAL B 266 -10.85 11.40 30.96
C VAL B 266 -11.46 12.47 31.85
N VAL B 268 -14.62 15.35 31.46
CA VAL B 268 -15.71 16.05 30.78
C VAL B 268 -16.04 17.34 31.50
N PHE B 269 -16.03 18.43 30.77
CA PHE B 269 -16.28 19.76 31.33
C PHE B 269 -17.60 20.29 30.78
N GLU B 270 -18.51 20.61 31.68
CA GLU B 270 -19.88 20.89 31.31
C GLU B 270 -20.49 21.69 32.42
N ASN B 271 -21.38 22.59 32.04
CA ASN B 271 -22.00 23.46 33.02
C ASN B 271 -20.93 24.17 33.86
N GLY B 272 -19.83 24.59 33.23
CA GLY B 272 -18.72 25.27 33.91
C GLY B 272 -17.95 24.51 34.99
N GLN B 273 -17.99 23.18 34.95
CA GLN B 273 -17.36 22.33 35.96
C GLN B 273 -16.66 21.16 35.28
N PRO B 274 -15.47 20.78 35.78
CA PRO B 274 -14.79 19.56 35.33
C PRO B 274 -15.35 18.33 36.01
N HIS B 275 -15.21 17.19 35.34
CA HIS B 275 -15.67 15.89 35.86
C HIS B 275 -14.67 14.88 35.43
N PHE B 276 -13.96 14.34 36.40
CA PHE B 276 -12.85 13.45 36.14
C PHE B 276 -13.28 12.02 36.41
N SER B 277 -12.91 11.13 35.48
CA SER B 277 -13.25 9.73 35.61
C SER B 277 -12.33 8.98 36.56
N ASN B 278 -12.73 7.77 36.89
CA ASN B 278 -11.80 6.78 37.45
C ASN B 278 -10.57 6.62 36.50
N ARG B 279 -9.43 6.27 37.09
CA ARG B 279 -8.16 6.13 36.40
C ARG B 279 -7.85 4.66 36.31
N TYR B 280 -7.68 4.17 35.08
CA TYR B 280 -7.45 2.77 34.79
C TYR B 280 -5.99 2.53 34.47
N GLU B 281 -5.42 1.46 35.01
CA GLU B 281 -4.08 1.04 34.62
C GLU B 281 -4.30 -0.03 33.57
N ILE B 282 -3.82 0.18 32.34
CA ILE B 282 -4.11 -0.71 31.24
C ILE B 282 -2.89 -1.40 30.70
N HIS B 283 -2.96 -2.73 30.60
CA HIS B 283 -2.01 -3.53 29.81
C HIS B 283 -2.62 -3.63 28.44
N ILE B 284 -1.97 -2.99 27.48
CA ILE B 284 -2.58 -2.64 26.22
C ILE B 284 -2.55 -3.78 25.21
N VAL B 285 -3.65 -4.05 24.54
CA VAL B 285 -3.63 -4.98 23.40
C VAL B 285 -3.43 -4.16 22.10
N ASP B 286 -4.21 -3.10 21.95
CA ASP B 286 -4.18 -2.24 20.76
C ASP B 286 -4.89 -0.92 21.07
N ARG B 287 -4.09 0.13 21.27
CA ARG B 287 -4.58 1.42 21.65
C ARG B 287 -5.13 2.28 20.51
N VAL B 288 -4.92 1.84 19.28
CA VAL B 288 -5.48 2.56 18.15
C VAL B 288 -7.00 2.61 18.29
N GLY B 289 -7.55 3.80 18.02
CA GLY B 289 -8.98 4.00 18.17
C GLY B 289 -9.51 4.29 19.57
N ALA B 290 -8.65 4.28 20.58
CA ALA B 290 -9.12 4.57 21.94
C ALA B 290 -9.72 5.99 22.07
N GLY B 291 -9.03 6.99 21.55
CA GLY B 291 -9.54 8.35 21.52
C GLY B 291 -10.87 8.47 20.80
N ASP B 292 -11.01 7.68 19.73
CA ASP B 292 -12.22 7.71 18.94
C ASP B 292 -13.41 7.10 19.69
N SER B 293 -13.17 6.05 20.44
CA SER B 293 -14.21 5.45 21.26
C SER B 293 -14.57 6.36 22.45
N PHE B 294 -13.62 7.13 22.96
CA PHE B 294 -13.95 8.19 23.91
C PHE B 294 -14.98 9.17 23.29
N ALA B 295 -14.66 9.67 22.11
CA ALA B 295 -15.58 10.59 21.40
C ALA B 295 -16.98 9.99 21.14
N GLY B 296 -17.02 8.71 20.74
CA GLY B 296 -18.26 8.01 20.43
C GLY B 296 -19.10 7.90 21.67
N ALA B 297 -18.45 7.47 22.76
CA ALA B 297 -19.03 7.34 24.06
C ALA B 297 -19.54 8.68 24.59
N LEU B 298 -18.84 9.76 24.30
CA LEU B 298 -19.27 11.07 24.76
C LEU B 298 -20.49 11.51 23.98
N ILE B 299 -20.50 11.21 22.68
CA ILE B 299 -21.64 11.54 21.83
C ILE B 299 -22.87 10.77 22.31
N TYR B 300 -22.67 9.47 22.52
CA TYR B 300 -23.75 8.59 22.90
C TYR B 300 -24.28 9.10 24.20
N GLY B 301 -23.40 9.36 25.17
CA GLY B 301 -23.85 9.88 26.48
C GLY B 301 -24.62 11.19 26.43
N SER B 302 -24.30 12.03 25.46
CA SER B 302 -25.03 13.30 25.27
C SER B 302 -26.44 13.08 24.72
N LEU B 303 -26.55 12.17 23.75
CA LEU B 303 -27.84 11.82 23.17
C LEU B 303 -28.76 11.14 24.16
N GLY B 305 -28.80 11.71 27.52
CA GLY B 305 -29.04 12.57 28.68
C GLY B 305 -28.32 12.15 29.93
N PHE B 306 -27.17 11.52 29.79
CA PHE B 306 -26.33 11.20 30.94
C PHE B 306 -25.90 12.47 31.65
N ASP B 307 -25.89 12.43 32.98
CA ASP B 307 -25.29 13.52 33.78
C ASP B 307 -23.79 13.61 33.52
N SER B 308 -23.18 14.75 33.79
CA SER B 308 -21.80 14.96 33.33
C SER B 308 -20.87 13.89 33.90
N GLN B 309 -21.05 13.55 35.17
CA GLN B 309 -20.16 12.58 35.81
C GLN B 309 -20.38 11.15 35.26
N LYS B 310 -21.62 10.78 34.98
CA LYS B 310 -21.88 9.50 34.35
C LYS B 310 -21.25 9.48 32.96
N LYS B 311 -21.29 10.63 32.29
CA LYS B 311 -20.77 10.82 30.95
C LYS B 311 -19.24 10.56 30.91
N ALA B 312 -18.51 11.10 31.89
CA ALA B 312 -17.10 10.84 32.06
C ALA B 312 -16.76 9.41 32.40
N GLU B 313 -17.52 8.79 33.32
CA GLU B 313 -17.24 7.43 33.71
C GLU B 313 -17.50 6.47 32.55
N PHE B 314 -18.63 6.66 31.87
CA PHE B 314 -19.03 5.84 30.72
C PHE B 314 -18.01 5.94 29.59
N ALA B 315 -17.58 7.16 29.26
CA ALA B 315 -16.60 7.38 28.18
C ALA B 315 -15.18 6.86 28.50
N ALA B 316 -14.78 6.98 29.77
CA ALA B 316 -13.52 6.42 30.25
C ALA B 316 -13.50 4.90 30.17
N ALA B 317 -14.60 4.30 30.61
CA ALA B 317 -14.75 2.85 30.63
C ALA B 317 -14.76 2.30 29.21
N ALA B 318 -15.51 2.95 28.34
CA ALA B 318 -15.56 2.56 26.91
C ALA B 318 -14.21 2.63 26.24
N SER B 319 -13.54 3.77 26.41
CA SER B 319 -12.20 3.93 25.82
C SER B 319 -11.10 3.09 26.48
N CYS B 320 -11.18 2.86 27.78
CA CYS B 320 -10.32 1.85 28.40
C CYS B 320 -10.51 0.49 27.73
N LEU B 321 -11.76 0.07 27.57
CA LEU B 321 -12.04 -1.23 26.92
C LEU B 321 -11.48 -1.35 25.50
N LYS B 322 -11.56 -0.28 24.73
CA LYS B 322 -11.02 -0.32 23.38
C LYS B 322 -9.54 -0.77 23.35
N HIS B 323 -8.76 -0.33 24.35
CA HIS B 323 -7.34 -0.72 24.44
C HIS B 323 -7.13 -2.24 24.45
N THR B 324 -8.17 -3.00 24.84
CA THR B 324 -8.13 -4.46 24.95
C THR B 324 -8.55 -5.22 23.70
N ILE B 325 -8.97 -4.48 22.68
CA ILE B 325 -9.59 -5.06 21.48
C ILE B 325 -8.71 -4.76 20.25
N PRO B 326 -8.20 -5.82 19.59
CA PRO B 326 -7.41 -5.67 18.38
C PRO B 326 -8.15 -4.90 17.30
N GLY B 327 -7.42 -4.06 16.57
CA GLY B 327 -8.00 -3.24 15.49
C GLY B 327 -8.44 -1.85 15.90
N ASP B 328 -9.20 -1.19 15.04
CA ASP B 328 -9.54 0.23 15.20
C ASP B 328 -10.94 0.47 15.77
N PHE B 329 -11.82 -0.49 15.59
CA PHE B 329 -13.24 -0.40 16.00
C PHE B 329 -13.42 -1.14 17.33
N VAL B 330 -14.26 -0.58 18.20
CA VAL B 330 -14.74 -1.37 19.38
C VAL B 330 -15.63 -2.51 18.93
N VAL B 331 -15.62 -3.59 19.69
CA VAL B 331 -16.63 -4.63 19.65
C VAL B 331 -17.08 -4.64 21.09
N LEU B 332 -18.21 -3.96 21.36
CA LEU B 332 -18.68 -3.69 22.73
C LEU B 332 -20.21 -3.53 22.75
N SER B 333 -20.79 -3.91 23.90
CA SER B 333 -22.18 -3.68 24.21
C SER B 333 -22.24 -2.62 25.30
N ILE B 334 -23.37 -1.94 25.40
CA ILE B 334 -23.64 -0.99 26.49
C ILE B 334 -23.50 -1.70 27.86
N GLU B 335 -24.05 -2.90 27.99
CA GLU B 335 -23.93 -3.63 29.26
C GLU B 335 -22.45 -3.81 29.65
N GLU B 336 -21.61 -4.23 28.73
CA GLU B 336 -20.15 -4.38 28.99
C GLU B 336 -19.49 -3.08 29.52
N ILE B 337 -19.78 -1.96 28.87
CA ILE B 337 -19.22 -0.67 29.29
C ILE B 337 -19.69 -0.27 30.67
N GLU B 338 -20.98 -0.44 30.92
CA GLU B 338 -21.56 -0.10 32.20
C GLU B 338 -21.09 -0.97 33.33
N LYS B 339 -20.72 -2.22 33.03
CA LYS B 339 -20.19 -3.16 34.05
C LYS B 339 -18.86 -2.67 34.62
N LEU B 340 -17.96 -2.27 33.73
CA LEU B 340 -16.69 -1.69 34.11
C LEU B 340 -16.91 -0.38 34.86
N ALA B 341 -17.72 0.52 34.31
CA ALA B 341 -17.93 1.86 34.91
C ALA B 341 -18.45 1.77 36.34
N SER B 342 -19.30 0.78 36.59
CA SER B 342 -19.83 0.58 37.93
C SER B 342 -18.81 0.13 39.00
N GLY B 343 -17.57 -0.24 38.64
CA GLY B 343 -16.51 -0.54 39.66
C GLY B 343 -15.56 0.59 40.11
#